data_6ASU
#
_entry.id   6ASU
#
_cell.length_a   80.303
_cell.length_b   80.303
_cell.length_c   224.816
_cell.angle_alpha   90.00
_cell.angle_beta   90.00
_cell.angle_gamma   90.00
#
_symmetry.space_group_name_H-M   'P 43 21 2'
#
loop_
_entity.id
_entity.type
_entity.pdbx_description
1 polymer 'Malate synthase G'
2 non-polymer 'MAGNESIUM ION'
3 non-polymer '(2Z)-2-hydroxy-4-(4-methylphenyl)-4-oxobut-2-enoic acid'
4 non-polymer 'NICKEL (II) ION'
5 water water
#
_entity_poly.entity_id   1
_entity_poly.type   'polypeptide(L)'
_entity_poly.pdbx_seq_one_letter_code
;MTDRVSVGNLRIARVLYDFVNNEALPGTDIDPDSFWAGVDKVVADLTPQNQALLNARDELQAQIDKWHRRRVIEPIDMDA
YRQFLTEIGYLLPEPDDFTITTSGVDAEITTTAGPQLVVPVLNARFALNAANARWGSLYDALYGTDVIPETDGAEKGPTY
NKVRGDKVIAYARKFLDDSVPLSSGSFGDATGFTVQDGQLVVALPDKSTGLANPGQFAGYTGAAESPTSVLLINHGLHIE
ILIDPESQVGTTDRAGVKDVILESAITTIMDFEDSVAAVDAADKVLGYRNWLGLNKGDLAAAVDKDGTAFLRVLNRDRNY
TAPGGGQFTLPGRSLMFVRNVGHLMTNDAIVDTDGSEVFEGIMDALFTGLIAIHGLKASDVNGPLINSRTGSIYIVKPKM
HGPAEVAFTCELFSRVEDVLGLPQNTMKIGIMDEERRTTVNLKACIKAAADRVVFINTGFLDRTGDEIHTSMEAGPMVRK
GTMKSQPWILAYEDHNVDAGLAAGFSGRAQVGKGMWTMTELMADMVETKIAQPRAGASTAWVPSPTAATLHALHYHQVDV
AAVQQGLAGKRRATIEQLLTIPLAKELAWAPDEIREEVDNNCQSILGYVVRWVDQGVGASKVPDIHDVALMEDRATLRIS
SQLLANWLRHGVITSADVRASLERMAPLVDRQNAGDVAYRPMAPNFDDSIAFLAAQELILSGAQQPNGYTEPILHRRRRE
FKARAAEKPAPSDRAGDDAAR
;
_entity_poly.pdbx_strand_id   A
#
# COMPACT_ATOMS: atom_id res chain seq x y z
N THR A 2 30.08 -12.52 -6.12
CA THR A 2 31.25 -13.38 -5.96
C THR A 2 32.33 -12.66 -5.15
N ASP A 3 32.19 -11.34 -5.04
CA ASP A 3 33.11 -10.53 -4.26
C ASP A 3 32.37 -10.08 -3.01
N ARG A 4 32.71 -10.69 -1.89
CA ARG A 4 31.97 -10.53 -0.65
C ARG A 4 32.90 -10.11 0.47
N VAL A 5 32.29 -9.69 1.56
CA VAL A 5 33.00 -9.20 2.73
C VAL A 5 32.61 -10.10 3.89
N SER A 6 33.59 -10.80 4.46
CA SER A 6 33.29 -11.73 5.54
C SER A 6 33.27 -10.99 6.87
N VAL A 7 32.14 -11.10 7.57
CA VAL A 7 32.01 -10.69 8.96
C VAL A 7 31.29 -11.83 9.66
N GLY A 8 32.01 -12.60 10.46
CA GLY A 8 31.43 -13.76 11.13
C GLY A 8 31.05 -14.82 10.11
N ASN A 9 29.87 -15.39 10.29
CA ASN A 9 29.38 -16.36 9.32
C ASN A 9 28.86 -15.70 8.05
N LEU A 10 28.84 -14.38 7.98
CA LEU A 10 28.22 -13.68 6.87
C LEU A 10 29.20 -13.37 5.74
N ARG A 11 28.71 -13.52 4.51
CA ARG A 11 29.40 -13.04 3.32
C ARG A 11 28.51 -11.97 2.68
N ILE A 12 28.78 -10.72 3.03
CA ILE A 12 28.05 -9.56 2.51
C ILE A 12 28.56 -9.24 1.11
N ALA A 13 27.63 -9.13 0.15
CA ALA A 13 28.03 -8.57 -1.13
C ALA A 13 28.64 -7.19 -0.89
N ARG A 14 29.73 -6.90 -1.62
CA ARG A 14 30.49 -5.68 -1.31
C ARG A 14 29.68 -4.43 -1.60
N VAL A 15 28.86 -4.44 -2.66
CA VAL A 15 28.00 -3.29 -2.95
C VAL A 15 27.12 -2.96 -1.74
N LEU A 16 26.68 -3.97 -0.99
CA LEU A 16 25.84 -3.69 0.17
C LEU A 16 26.67 -3.17 1.33
N TYR A 17 27.76 -3.89 1.64
CA TYR A 17 28.68 -3.50 2.71
C TYR A 17 29.11 -2.05 2.56
N ASP A 18 29.58 -1.67 1.36
CA ASP A 18 30.08 -0.32 1.12
C ASP A 18 28.98 0.73 1.29
N PHE A 19 27.79 0.44 0.75
CA PHE A 19 26.65 1.34 0.95
C PHE A 19 26.36 1.55 2.43
N VAL A 20 26.28 0.45 3.20
CA VAL A 20 25.99 0.60 4.62
C VAL A 20 27.06 1.44 5.30
N ASN A 21 28.33 1.09 5.08
CA ASN A 21 29.46 1.76 5.72
C ASN A 21 29.61 3.20 5.27
N ASN A 22 29.50 3.46 3.96
CA ASN A 22 29.81 4.81 3.49
C ASN A 22 28.60 5.74 3.43
N GLU A 23 27.38 5.21 3.34
CA GLU A 23 26.19 6.03 3.11
C GLU A 23 25.21 5.99 4.27
N ALA A 24 24.85 4.81 4.75
CA ALA A 24 23.82 4.67 5.77
C ALA A 24 24.36 4.96 7.17
N LEU A 25 25.53 4.38 7.53
CA LEU A 25 26.07 4.43 8.89
C LEU A 25 26.59 5.81 9.31
N PRO A 26 27.28 6.56 8.45
CA PRO A 26 27.65 7.93 8.82
C PRO A 26 26.49 8.78 9.30
N GLY A 27 26.53 9.14 10.59
CA GLY A 27 25.50 9.94 11.22
C GLY A 27 24.62 9.19 12.18
N THR A 28 24.76 7.86 12.29
CA THR A 28 23.86 7.08 13.13
C THR A 28 24.39 6.84 14.53
N ASP A 29 25.66 7.18 14.79
CA ASP A 29 26.40 6.92 16.02
C ASP A 29 26.77 5.46 16.14
N ILE A 30 26.34 4.59 15.22
CA ILE A 30 26.69 3.19 15.25
C ILE A 30 28.06 2.99 14.60
N ASP A 31 28.97 2.38 15.34
CA ASP A 31 30.27 2.05 14.79
C ASP A 31 30.12 0.87 13.84
N PRO A 32 30.70 0.92 12.63
CA PRO A 32 30.42 -0.15 11.65
C PRO A 32 30.82 -1.54 12.14
N ASP A 33 31.92 -1.63 12.90
CA ASP A 33 32.31 -2.86 13.54
C ASP A 33 31.16 -3.49 14.33
N SER A 34 30.51 -2.70 15.19
CA SER A 34 29.46 -3.27 16.04
C SER A 34 28.24 -3.66 15.22
N PHE A 35 27.81 -2.76 14.33
CA PHE A 35 26.62 -3.01 13.53
C PHE A 35 26.72 -4.33 12.80
N TRP A 36 27.83 -4.56 12.09
CA TRP A 36 27.96 -5.82 11.37
C TRP A 36 28.02 -6.99 12.34
N ALA A 37 28.80 -6.85 13.41
CA ALA A 37 28.85 -7.89 14.43
C ALA A 37 27.45 -8.17 14.98
N GLY A 38 26.64 -7.12 15.14
CA GLY A 38 25.27 -7.32 15.58
C GLY A 38 24.39 -7.93 14.51
N VAL A 39 24.60 -7.51 13.26
CA VAL A 39 23.88 -8.11 12.15
C VAL A 39 24.12 -9.61 12.11
N ASP A 40 25.39 -10.02 12.10
CA ASP A 40 25.75 -11.42 12.13
C ASP A 40 25.06 -12.15 13.29
N LYS A 41 25.00 -11.49 14.44
CA LYS A 41 24.42 -12.10 15.63
C LYS A 41 22.90 -12.25 15.51
N VAL A 42 22.22 -11.24 14.96
CA VAL A 42 20.77 -11.33 14.77
C VAL A 42 20.43 -12.37 13.70
N VAL A 43 21.16 -12.37 12.60
CA VAL A 43 20.96 -13.39 11.57
C VAL A 43 21.11 -14.79 12.15
N ALA A 44 22.26 -15.06 12.78
CA ALA A 44 22.58 -16.42 13.21
C ALA A 44 21.53 -16.98 14.17
N ASP A 45 21.00 -16.16 15.07
CA ASP A 45 20.12 -16.72 16.09
C ASP A 45 18.63 -16.70 15.72
N LEU A 46 18.12 -15.68 15.02
CA LEU A 46 16.71 -15.73 14.64
C LEU A 46 16.45 -16.40 13.30
N THR A 47 17.48 -16.75 12.52
CA THR A 47 17.25 -17.64 11.40
C THR A 47 16.60 -18.96 11.79
N PRO A 48 17.02 -19.66 12.86
CA PRO A 48 16.29 -20.87 13.29
C PRO A 48 14.77 -20.69 13.38
N GLN A 49 14.30 -19.65 14.07
CA GLN A 49 12.87 -19.46 14.28
C GLN A 49 12.16 -18.94 13.03
N ASN A 50 12.85 -18.12 12.22
CA ASN A 50 12.35 -17.79 10.90
C ASN A 50 12.15 -19.06 10.09
N GLN A 51 12.99 -20.06 10.33
CA GLN A 51 12.89 -21.29 9.57
C GLN A 51 11.86 -22.24 10.18
N ALA A 52 11.77 -22.29 11.51
CA ALA A 52 10.69 -23.00 12.17
C ALA A 52 9.33 -22.49 11.69
N LEU A 53 9.10 -21.18 11.80
CA LEU A 53 7.82 -20.60 11.36
C LEU A 53 7.53 -20.92 9.91
N LEU A 54 8.55 -20.84 9.05
CA LEU A 54 8.36 -21.20 7.65
C LEU A 54 8.02 -22.67 7.52
N ASN A 55 8.58 -23.51 8.41
CA ASN A 55 8.24 -24.93 8.40
C ASN A 55 6.81 -25.15 8.88
N ALA A 56 6.36 -24.40 9.90
CA ALA A 56 4.99 -24.55 10.37
C ALA A 56 3.97 -24.26 9.27
N ARG A 57 4.28 -23.34 8.36
CA ARG A 57 3.35 -23.01 7.29
C ARG A 57 3.12 -24.21 6.38
N ASP A 58 4.19 -24.86 5.94
CA ASP A 58 4.04 -25.97 5.00
C ASP A 58 3.39 -27.17 5.67
N GLU A 59 3.64 -27.41 6.95
CA GLU A 59 3.06 -28.58 7.56
C GLU A 59 1.58 -28.35 7.88
N LEU A 60 1.21 -27.12 8.26
CA LEU A 60 -0.21 -26.79 8.40
C LEU A 60 -0.91 -26.94 7.06
N GLN A 61 -0.32 -26.37 6.00
CA GLN A 61 -0.89 -26.50 4.67
C GLN A 61 -0.97 -27.95 4.22
N ALA A 62 0.07 -28.74 4.50
CA ALA A 62 0.06 -30.16 4.14
C ALA A 62 -1.08 -30.89 4.84
N GLN A 63 -1.31 -30.60 6.13
CA GLN A 63 -2.40 -31.23 6.86
C GLN A 63 -3.76 -30.83 6.29
N ILE A 64 -3.90 -29.56 5.89
CA ILE A 64 -5.16 -29.10 5.28
C ILE A 64 -5.36 -29.77 3.93
N ASP A 65 -4.32 -29.81 3.09
CA ASP A 65 -4.41 -30.46 1.78
C ASP A 65 -4.80 -31.92 1.92
N LYS A 66 -4.24 -32.61 2.92
CA LYS A 66 -4.63 -34.01 3.16
C LYS A 66 -6.08 -34.11 3.62
N TRP A 67 -6.52 -33.18 4.48
CA TRP A 67 -7.89 -33.23 4.98
C TRP A 67 -8.90 -33.09 3.85
N HIS A 68 -8.69 -32.13 2.96
CA HIS A 68 -9.63 -31.93 1.86
C HIS A 68 -9.62 -33.12 0.90
N ARG A 69 -8.44 -33.70 0.65
CA ARG A 69 -8.36 -34.79 -0.32
C ARG A 69 -9.02 -36.06 0.21
N ARG A 70 -8.93 -36.29 1.53
CA ARG A 70 -9.68 -37.36 2.16
C ARG A 70 -11.16 -37.07 2.20
N ARG A 71 -11.54 -35.79 2.06
CA ARG A 71 -12.84 -35.20 2.41
C ARG A 71 -13.28 -35.61 3.82
N PRO A 75 -21.20 -30.81 0.16
CA PRO A 75 -20.63 -31.99 0.81
C PRO A 75 -19.42 -31.66 1.68
N ILE A 76 -19.53 -30.72 2.61
CA ILE A 76 -18.37 -30.26 3.40
C ILE A 76 -18.82 -29.95 4.83
N ASP A 77 -18.45 -30.79 5.77
CA ASP A 77 -18.80 -30.67 7.19
C ASP A 77 -18.01 -29.53 7.80
N MET A 78 -18.65 -28.38 7.99
CA MET A 78 -17.96 -27.18 8.44
C MET A 78 -17.65 -27.23 9.93
N ASP A 79 -18.47 -27.88 10.74
CA ASP A 79 -18.11 -28.03 12.15
C ASP A 79 -16.85 -28.88 12.29
N ALA A 80 -16.74 -29.95 11.49
CA ALA A 80 -15.55 -30.78 11.54
C ALA A 80 -14.35 -30.02 10.99
N TYR A 81 -14.56 -29.25 9.91
CA TYR A 81 -13.49 -28.41 9.36
C TYR A 81 -12.89 -27.51 10.43
N ARG A 82 -13.71 -26.70 11.09
CA ARG A 82 -13.17 -25.78 12.08
C ARG A 82 -12.54 -26.51 13.26
N GLN A 83 -13.08 -27.68 13.62
CA GLN A 83 -12.47 -28.45 14.69
C GLN A 83 -11.09 -28.99 14.29
N PHE A 84 -10.95 -29.43 13.04
CA PHE A 84 -9.66 -29.92 12.57
C PHE A 84 -8.60 -28.83 12.62
N LEU A 85 -8.94 -27.62 12.14
CA LEU A 85 -8.00 -26.51 12.17
C LEU A 85 -7.63 -26.15 13.60
N THR A 86 -8.60 -26.25 14.52
CA THR A 86 -8.28 -26.06 15.93
C THR A 86 -7.33 -27.16 16.42
N GLU A 87 -7.51 -28.38 15.94
CA GLU A 87 -6.70 -29.50 16.43
C GLU A 87 -5.26 -29.42 15.92
N ILE A 88 -5.04 -28.90 14.70
CA ILE A 88 -3.69 -28.80 14.16
C ILE A 88 -3.01 -27.48 14.51
N GLY A 89 -3.64 -26.63 15.32
CA GLY A 89 -2.98 -25.41 15.74
C GLY A 89 -3.06 -24.30 14.73
N TYR A 90 -3.99 -24.39 13.79
CA TYR A 90 -4.20 -23.33 12.80
C TYR A 90 -5.14 -22.26 13.35
N LEU A 91 -6.32 -22.69 13.81
CA LEU A 91 -7.19 -21.87 14.63
C LEU A 91 -6.78 -21.96 16.09
N LEU A 92 -6.42 -20.84 16.68
CA LEU A 92 -6.08 -20.82 18.10
C LEU A 92 -7.15 -20.06 18.89
N PRO A 93 -7.18 -20.22 20.22
CA PRO A 93 -8.19 -19.52 21.01
C PRO A 93 -8.06 -18.01 20.90
N GLU A 94 -9.19 -17.33 20.92
CA GLU A 94 -9.18 -15.89 20.95
C GLU A 94 -8.74 -15.43 22.32
N PRO A 95 -7.83 -14.46 22.41
CA PRO A 95 -7.48 -13.91 23.73
C PRO A 95 -8.62 -13.05 24.24
N ASP A 96 -8.49 -12.58 25.46
CA ASP A 96 -9.60 -11.77 25.93
C ASP A 96 -9.31 -10.30 25.72
N ASP A 97 -10.37 -9.50 25.78
CA ASP A 97 -10.30 -8.14 25.25
C ASP A 97 -9.18 -7.36 25.90
N PHE A 98 -8.61 -6.42 25.14
CA PHE A 98 -7.44 -5.69 25.59
C PHE A 98 -7.36 -4.42 24.76
N THR A 99 -6.65 -3.45 25.28
CA THR A 99 -6.38 -2.23 24.55
C THR A 99 -4.90 -2.23 24.14
N ILE A 100 -4.62 -1.90 22.86
CA ILE A 100 -3.23 -1.75 22.45
C ILE A 100 -2.61 -0.66 23.29
N THR A 101 -1.29 -0.76 23.46
CA THR A 101 -0.57 0.17 24.32
C THR A 101 0.48 0.97 23.56
N THR A 102 0.48 0.88 22.24
CA THR A 102 1.47 1.58 21.43
C THR A 102 1.46 3.06 21.74
N SER A 103 2.63 3.59 22.04
CA SER A 103 2.78 5.01 22.33
C SER A 103 3.87 5.57 21.42
N GLY A 104 3.92 6.90 21.38
CA GLY A 104 4.87 7.58 20.53
C GLY A 104 4.54 7.30 19.08
N VAL A 105 3.40 7.79 18.63
CA VAL A 105 2.89 7.54 17.29
C VAL A 105 2.48 8.87 16.71
N ASP A 106 2.86 9.12 15.45
CA ASP A 106 2.54 10.40 14.83
C ASP A 106 1.02 10.57 14.67
N ALA A 107 0.58 11.84 14.66
CA ALA A 107 -0.84 12.15 14.68
C ALA A 107 -1.53 11.76 13.38
N GLU A 108 -0.80 11.76 12.27
CA GLU A 108 -1.30 11.26 11.00
C GLU A 108 -1.83 9.84 11.12
N ILE A 109 -1.36 9.10 12.11
CA ILE A 109 -1.78 7.73 12.36
C ILE A 109 -2.85 7.64 13.44
N THR A 110 -2.61 8.27 14.59
CA THR A 110 -3.55 8.13 15.71
C THR A 110 -4.88 8.77 15.39
N THR A 111 -4.85 10.00 14.90
CA THR A 111 -6.04 10.84 14.84
C THR A 111 -6.59 11.03 13.43
N THR A 112 -5.73 11.12 12.43
CA THR A 112 -6.13 11.60 11.13
C THR A 112 -6.66 10.44 10.30
N ALA A 113 -7.80 10.62 9.67
CA ALA A 113 -8.31 9.68 8.70
C ALA A 113 -8.12 10.27 7.31
N GLY A 114 -7.43 9.54 6.45
CA GLY A 114 -7.26 9.96 5.08
C GLY A 114 -6.55 8.91 4.28
N PRO A 115 -6.37 9.19 3.00
CA PRO A 115 -5.71 8.24 2.10
C PRO A 115 -4.30 7.86 2.55
N GLN A 116 -3.88 6.67 2.13
CA GLN A 116 -2.53 6.17 2.36
C GLN A 116 -2.01 5.66 1.03
N LEU A 117 -0.97 6.30 0.51
CA LEU A 117 -0.41 6.02 -0.80
C LEU A 117 0.73 5.01 -0.72
N VAL A 118 0.79 4.09 -1.68
CA VAL A 118 1.78 3.02 -1.71
C VAL A 118 2.59 3.15 -2.98
N VAL A 119 3.91 3.18 -2.86
CA VAL A 119 4.80 3.46 -3.99
C VAL A 119 6.04 2.59 -3.92
N PRO A 120 6.48 2.03 -5.06
CA PRO A 120 7.73 1.26 -5.07
C PRO A 120 8.94 2.14 -4.71
N VAL A 121 9.67 1.72 -3.67
CA VAL A 121 10.82 2.50 -3.23
C VAL A 121 11.93 2.53 -4.27
N LEU A 122 11.91 1.62 -5.25
CA LEU A 122 12.94 1.53 -6.27
C LEU A 122 12.86 2.64 -7.30
N ASN A 123 11.70 3.29 -7.42
CA ASN A 123 11.52 4.38 -8.36
C ASN A 123 11.57 5.68 -7.59
N ALA A 124 12.73 6.35 -7.67
CA ALA A 124 12.97 7.55 -6.86
C ALA A 124 12.03 8.69 -7.22
N ARG A 125 11.74 8.86 -8.51
CA ARG A 125 10.78 9.88 -8.91
C ARG A 125 9.40 9.63 -8.31
N PHE A 126 8.91 8.39 -8.43
CA PHE A 126 7.63 8.02 -7.83
C PHE A 126 7.66 8.26 -6.32
N ALA A 127 8.75 7.84 -5.68
CA ALA A 127 8.88 8.03 -4.24
C ALA A 127 8.91 9.50 -3.89
N LEU A 128 9.59 10.29 -4.72
CA LEU A 128 9.59 11.73 -4.53
C LEU A 128 8.18 12.26 -4.58
N ASN A 129 7.45 11.92 -5.64
CA ASN A 129 6.08 12.40 -5.80
C ASN A 129 5.20 11.92 -4.66
N ALA A 130 5.37 10.67 -4.23
CA ALA A 130 4.53 10.16 -3.15
C ALA A 130 4.74 10.98 -1.88
N ALA A 131 6.00 11.23 -1.51
CA ALA A 131 6.28 12.02 -0.32
C ALA A 131 5.71 13.43 -0.46
N ASN A 132 5.76 13.99 -1.67
CA ASN A 132 5.22 15.32 -1.88
C ASN A 132 3.69 15.32 -2.00
N ALA A 133 3.05 14.14 -2.01
CA ALA A 133 1.61 14.03 -2.24
C ALA A 133 0.79 14.26 -0.99
N ARG A 134 1.41 14.63 0.12
CA ARG A 134 0.68 15.07 1.29
C ARG A 134 -0.25 16.24 0.96
N TRP A 135 0.07 16.96 -0.12
CA TRP A 135 -0.71 18.08 -0.62
C TRP A 135 -0.89 17.88 -2.11
N GLY A 136 -2.14 18.00 -2.56
CA GLY A 136 -2.47 17.73 -3.94
C GLY A 136 -3.55 18.64 -4.46
N SER A 137 -3.32 19.19 -5.65
CA SER A 137 -4.24 20.11 -6.25
C SER A 137 -5.50 19.36 -6.63
N LEU A 138 -6.63 19.77 -6.06
CA LEU A 138 -7.90 19.18 -6.48
C LEU A 138 -8.19 19.47 -7.93
N TYR A 139 -7.82 20.67 -8.40
CA TYR A 139 -8.06 21.06 -9.78
C TYR A 139 -7.34 20.15 -10.75
N ASP A 140 -6.03 19.98 -10.57
CA ASP A 140 -5.29 19.13 -11.49
C ASP A 140 -5.80 17.70 -11.41
N ALA A 141 -6.11 17.24 -10.20
CA ALA A 141 -6.76 15.95 -10.01
C ALA A 141 -8.06 15.84 -10.83
N LEU A 142 -8.94 16.83 -10.72
CA LEU A 142 -10.21 16.72 -11.43
C LEU A 142 -10.00 16.91 -12.93
N TYR A 143 -9.23 17.93 -13.31
CA TYR A 143 -9.03 18.18 -14.72
C TYR A 143 -8.41 16.97 -15.42
N GLY A 144 -7.36 16.41 -14.81
CA GLY A 144 -6.58 15.35 -15.44
C GLY A 144 -7.28 14.00 -15.50
N THR A 145 -8.34 13.80 -14.74
CA THR A 145 -9.02 12.51 -14.66
C THR A 145 -10.39 12.56 -15.29
N ASP A 146 -10.99 11.39 -15.45
CA ASP A 146 -12.37 11.28 -15.92
C ASP A 146 -13.41 11.62 -14.86
N VAL A 147 -13.04 12.15 -13.69
CA VAL A 147 -14.07 12.54 -12.72
C VAL A 147 -15.02 13.56 -13.35
N ILE A 148 -14.49 14.50 -14.11
CA ILE A 148 -15.28 15.40 -14.93
C ILE A 148 -15.39 14.77 -16.31
N PRO A 149 -16.58 14.39 -16.77
CA PRO A 149 -16.69 13.66 -18.02
C PRO A 149 -16.25 14.52 -19.19
N GLU A 150 -15.59 13.88 -20.16
CA GLU A 150 -15.23 14.55 -21.40
C GLU A 150 -16.47 14.49 -22.29
N THR A 151 -17.37 15.44 -22.07
CA THR A 151 -18.64 15.49 -22.76
C THR A 151 -19.10 16.94 -22.78
N ASP A 152 -19.84 17.28 -23.84
CA ASP A 152 -20.40 18.62 -24.02
C ASP A 152 -19.28 19.67 -24.02
N GLY A 153 -18.23 19.40 -24.79
CA GLY A 153 -17.12 20.33 -24.94
C GLY A 153 -16.18 20.42 -23.76
N ALA A 154 -16.23 19.46 -22.83
CA ALA A 154 -15.33 19.45 -21.68
C ALA A 154 -14.18 18.46 -21.88
N GLU A 155 -13.83 18.18 -23.12
CA GLU A 155 -12.80 17.17 -23.40
C GLU A 155 -11.41 17.71 -23.12
N LYS A 156 -10.52 16.83 -22.68
CA LYS A 156 -9.12 17.20 -22.47
C LYS A 156 -8.46 17.46 -23.81
N GLY A 157 -7.83 18.62 -23.96
CA GLY A 157 -7.18 18.94 -25.19
C GLY A 157 -5.70 19.09 -24.97
N PRO A 158 -4.94 19.27 -26.05
CA PRO A 158 -3.52 19.62 -25.88
C PRO A 158 -3.34 20.95 -25.18
N THR A 159 -4.33 21.84 -25.25
CA THR A 159 -4.36 23.08 -24.49
C THR A 159 -5.53 23.07 -23.51
N TYR A 160 -5.36 23.88 -22.46
CA TYR A 160 -6.39 24.04 -21.44
C TYR A 160 -7.73 24.36 -22.07
N ASN A 161 -8.73 23.58 -21.71
CA ASN A 161 -10.11 23.77 -22.13
C ASN A 161 -10.87 24.47 -21.02
N LYS A 162 -11.35 25.69 -21.30
CA LYS A 162 -11.98 26.49 -20.24
C LYS A 162 -13.35 25.94 -19.84
N VAL A 163 -14.03 25.26 -20.76
CA VAL A 163 -15.26 24.55 -20.38
C VAL A 163 -14.93 23.48 -19.36
N ARG A 164 -13.86 22.71 -19.61
CA ARG A 164 -13.45 21.70 -18.64
C ARG A 164 -13.09 22.36 -17.32
N GLY A 165 -12.31 23.44 -17.37
CA GLY A 165 -11.91 24.12 -16.15
C GLY A 165 -13.07 24.64 -15.34
N ASP A 166 -14.17 25.02 -16.01
CA ASP A 166 -15.35 25.50 -15.30
C ASP A 166 -16.01 24.37 -14.53
N LYS A 167 -16.22 23.23 -15.18
CA LYS A 167 -16.76 22.08 -14.47
C LYS A 167 -15.85 21.67 -13.32
N VAL A 168 -14.52 21.80 -13.52
CA VAL A 168 -13.56 21.61 -12.45
C VAL A 168 -13.84 22.56 -11.30
N ILE A 169 -13.87 23.87 -11.61
CA ILE A 169 -14.07 24.87 -10.56
C ILE A 169 -15.40 24.66 -9.85
N ALA A 170 -16.46 24.45 -10.63
CA ALA A 170 -17.80 24.18 -10.08
C ALA A 170 -17.81 22.96 -9.17
N TYR A 171 -17.21 21.85 -9.64
CA TYR A 171 -17.10 20.68 -8.79
C TYR A 171 -16.44 21.01 -7.44
N ALA A 172 -15.32 21.75 -7.49
CA ALA A 172 -14.60 22.08 -6.28
C ALA A 172 -15.40 22.99 -5.35
N ARG A 173 -16.15 23.93 -5.91
CA ARG A 173 -17.02 24.77 -5.07
C ARG A 173 -18.13 23.95 -4.43
N LYS A 174 -18.69 22.99 -5.16
CA LYS A 174 -19.62 22.04 -4.56
CA LYS A 174 -19.61 22.03 -4.56
C LYS A 174 -18.98 21.34 -3.37
N PHE A 175 -17.76 20.83 -3.55
CA PHE A 175 -17.03 20.14 -2.48
C PHE A 175 -16.87 21.05 -1.26
N LEU A 176 -16.40 22.28 -1.46
CA LEU A 176 -16.26 23.20 -0.33
C LEU A 176 -17.60 23.44 0.34
N ASP A 177 -18.68 23.48 -0.44
CA ASP A 177 -20.00 23.65 0.16
C ASP A 177 -20.34 22.49 1.08
N ASP A 178 -19.95 21.27 0.70
CA ASP A 178 -20.31 20.12 1.52
C ASP A 178 -19.36 19.94 2.69
N SER A 179 -18.12 20.37 2.55
CA SER A 179 -17.16 20.14 3.62
C SER A 179 -17.13 21.29 4.61
N VAL A 180 -17.14 22.52 4.13
CA VAL A 180 -17.07 23.68 5.01
C VAL A 180 -18.23 24.61 4.69
N PRO A 181 -19.44 24.27 5.16
CA PRO A 181 -20.62 25.04 4.76
C PRO A 181 -20.52 26.48 5.21
N LEU A 182 -20.99 27.37 4.35
CA LEU A 182 -21.21 28.75 4.79
C LEU A 182 -22.52 28.83 5.55
N SER A 183 -22.57 29.77 6.49
CA SER A 183 -23.80 30.03 7.22
C SER A 183 -24.95 30.32 6.27
N SER A 184 -24.69 31.05 5.19
CA SER A 184 -25.70 31.38 4.20
C SER A 184 -25.04 31.42 2.83
N GLY A 185 -25.76 30.98 1.81
CA GLY A 185 -25.22 30.94 0.46
C GLY A 185 -24.12 29.88 0.27
N SER A 186 -23.60 29.86 -0.97
CA SER A 186 -22.64 28.86 -1.41
C SER A 186 -21.31 29.52 -1.80
N PHE A 187 -20.25 28.71 -1.81
CA PHE A 187 -18.97 29.18 -2.34
C PHE A 187 -19.05 29.51 -3.82
N GLY A 188 -19.94 28.84 -4.55
CA GLY A 188 -20.15 29.20 -5.94
C GLY A 188 -20.49 30.67 -6.11
N ASP A 189 -21.14 31.28 -5.12
CA ASP A 189 -21.48 32.68 -5.14
C ASP A 189 -20.35 33.58 -4.67
N ALA A 190 -19.35 33.02 -3.99
CA ALA A 190 -18.28 33.82 -3.39
C ALA A 190 -17.61 34.74 -4.41
N THR A 191 -17.28 35.94 -3.95
CA THR A 191 -16.53 36.91 -4.74
C THR A 191 -15.21 37.31 -4.09
N GLY A 192 -14.93 36.83 -2.90
CA GLY A 192 -13.69 37.16 -2.21
C GLY A 192 -13.76 36.71 -0.78
N PHE A 193 -12.60 36.76 -0.12
CA PHE A 193 -12.46 36.30 1.25
C PHE A 193 -11.59 37.27 2.03
N THR A 194 -11.97 37.53 3.28
CA THR A 194 -11.11 38.28 4.19
C THR A 194 -11.19 37.63 5.56
N VAL A 195 -10.19 37.92 6.38
CA VAL A 195 -10.19 37.46 7.75
C VAL A 195 -10.42 38.67 8.65
N GLN A 196 -11.47 38.59 9.46
CA GLN A 196 -11.74 39.57 10.50
C GLN A 196 -11.70 38.83 11.84
N ASP A 197 -11.35 39.56 12.91
CA ASP A 197 -11.53 39.09 14.29
C ASP A 197 -11.03 37.65 14.51
N GLY A 198 -10.14 37.17 13.65
CA GLY A 198 -9.79 35.76 13.69
C GLY A 198 -10.78 34.84 13.02
N GLN A 199 -11.79 35.38 12.35
CA GLN A 199 -12.85 34.59 11.73
C GLN A 199 -12.87 34.87 10.25
N LEU A 200 -12.97 33.81 9.46
CA LEU A 200 -13.04 33.93 8.02
C LEU A 200 -14.40 34.46 7.62
N VAL A 201 -14.42 35.40 6.68
CA VAL A 201 -15.65 35.97 6.15
C VAL A 201 -15.51 35.99 4.62
N VAL A 202 -16.58 35.58 3.92
CA VAL A 202 -16.53 35.41 2.47
C VAL A 202 -17.53 36.37 1.85
N ALA A 203 -17.12 37.02 0.75
CA ALA A 203 -17.96 38.02 0.09
C ALA A 203 -18.91 37.34 -0.90
N LEU A 204 -20.19 37.55 -0.74
CA LEU A 204 -21.21 37.04 -1.65
C LEU A 204 -21.74 38.14 -2.54
N PRO A 205 -22.42 37.82 -3.65
CA PRO A 205 -22.90 38.88 -4.55
C PRO A 205 -24.15 39.58 -4.02
N ASP A 206 -24.19 39.86 -2.72
CA ASP A 206 -25.32 40.52 -2.08
C ASP A 206 -25.02 40.82 -0.63
N LYS A 207 -24.70 39.79 0.16
CA LYS A 207 -24.40 39.91 1.58
C LYS A 207 -22.98 39.37 1.82
N SER A 208 -22.62 39.27 3.09
CA SER A 208 -21.34 38.71 3.50
C SER A 208 -21.58 37.74 4.64
N THR A 209 -21.22 36.48 4.42
CA THR A 209 -21.50 35.39 5.34
C THR A 209 -20.21 34.88 5.96
N GLY A 210 -20.35 33.97 6.92
CA GLY A 210 -19.19 33.35 7.50
C GLY A 210 -19.24 31.86 7.38
N LEU A 211 -18.36 31.16 8.09
CA LEU A 211 -18.43 29.71 8.12
C LEU A 211 -19.55 29.28 9.06
N ALA A 212 -20.31 28.26 8.65
CA ALA A 212 -21.26 27.63 9.56
C ALA A 212 -20.58 27.29 10.88
N ASN A 213 -19.45 26.59 10.83
CA ASN A 213 -18.65 26.38 12.03
C ASN A 213 -17.34 27.13 11.87
N PRO A 214 -17.17 28.28 12.53
CA PRO A 214 -15.93 29.06 12.34
C PRO A 214 -14.67 28.31 12.72
N GLY A 215 -14.78 27.25 13.52
CA GLY A 215 -13.61 26.48 13.85
C GLY A 215 -13.00 25.74 12.68
N GLN A 216 -13.73 25.63 11.57
CA GLN A 216 -13.18 25.06 10.34
C GLN A 216 -12.21 26.00 9.64
N PHE A 217 -12.15 27.26 10.06
CA PHE A 217 -11.19 28.21 9.54
C PHE A 217 -9.88 28.02 10.29
N ALA A 218 -8.86 27.49 9.60
CA ALA A 218 -7.64 27.06 10.27
C ALA A 218 -6.44 27.96 10.05
N GLY A 219 -6.52 28.92 9.14
CA GLY A 219 -5.40 29.80 8.88
C GLY A 219 -5.48 30.40 7.49
N TYR A 220 -4.44 31.16 7.15
CA TYR A 220 -4.35 31.84 5.87
C TYR A 220 -2.93 32.31 5.65
N THR A 221 -2.64 32.73 4.42
CA THR A 221 -1.38 33.38 4.06
C THR A 221 -1.68 34.74 3.44
N GLY A 222 -0.66 35.61 3.45
CA GLY A 222 -0.84 36.97 2.96
C GLY A 222 -1.49 37.87 4.00
N ALA A 223 -1.91 39.03 3.52
CA ALA A 223 -2.48 40.05 4.41
C ALA A 223 -3.89 39.67 4.81
N ALA A 224 -4.23 39.96 6.06
CA ALA A 224 -5.58 39.72 6.58
C ALA A 224 -6.63 40.22 5.59
N GLU A 225 -6.37 41.37 4.97
CA GLU A 225 -7.36 42.07 4.17
C GLU A 225 -7.54 41.46 2.79
N SER A 226 -6.58 40.70 2.28
CA SER A 226 -6.84 39.89 1.10
C SER A 226 -5.86 38.73 1.06
N PRO A 227 -6.25 37.59 1.63
CA PRO A 227 -5.33 36.44 1.70
C PRO A 227 -4.92 35.96 0.31
N THR A 228 -3.66 35.52 0.22
CA THR A 228 -3.18 34.77 -0.94
C THR A 228 -3.70 33.33 -0.91
N SER A 229 -4.16 32.87 0.25
CA SER A 229 -4.77 31.57 0.40
C SER A 229 -5.42 31.46 1.78
N VAL A 230 -6.62 30.92 1.84
CA VAL A 230 -7.25 30.61 3.12
C VAL A 230 -7.14 29.11 3.36
N LEU A 231 -6.86 28.75 4.60
CA LEU A 231 -6.65 27.37 5.01
C LEU A 231 -7.86 26.90 5.79
N LEU A 232 -8.43 25.77 5.39
CA LEU A 232 -9.64 25.25 5.99
C LEU A 232 -9.37 23.84 6.50
N ILE A 233 -10.09 23.44 7.55
CA ILE A 233 -9.95 22.10 8.09
C ILE A 233 -11.34 21.48 8.19
N ASN A 234 -11.40 20.16 7.95
CA ASN A 234 -12.63 19.38 8.01
C ASN A 234 -12.24 17.94 8.27
N HIS A 235 -12.75 17.36 9.37
CA HIS A 235 -12.45 15.97 9.74
C HIS A 235 -10.95 15.73 9.83
N GLY A 236 -10.22 16.71 10.35
CA GLY A 236 -8.79 16.60 10.56
C GLY A 236 -7.94 16.80 9.33
N LEU A 237 -8.54 17.03 8.16
CA LEU A 237 -7.78 17.27 6.95
C LEU A 237 -7.95 18.69 6.48
N HIS A 238 -6.86 19.24 5.95
CA HIS A 238 -6.79 20.65 5.59
C HIS A 238 -7.18 20.85 4.13
N ILE A 239 -7.90 21.93 3.88
CA ILE A 239 -8.22 22.37 2.53
C ILE A 239 -7.63 23.74 2.35
N GLU A 240 -7.00 23.96 1.21
CA GLU A 240 -6.38 25.24 0.92
C GLU A 240 -6.99 25.82 -0.35
N ILE A 241 -7.54 27.01 -0.24
CA ILE A 241 -8.00 27.77 -1.37
C ILE A 241 -6.90 28.75 -1.75
N LEU A 242 -6.28 28.54 -2.91
CA LEU A 242 -5.26 29.46 -3.40
C LEU A 242 -5.95 30.62 -4.09
N ILE A 243 -5.68 31.83 -3.64
CA ILE A 243 -6.37 33.02 -4.14
C ILE A 243 -5.35 33.87 -4.89
N ASP A 244 -5.56 34.02 -6.20
CA ASP A 244 -4.74 34.91 -7.01
C ASP A 244 -5.58 35.37 -8.17
N PRO A 245 -6.16 36.59 -8.11
CA PRO A 245 -7.02 37.05 -9.20
C PRO A 245 -6.26 37.38 -10.46
N GLU A 246 -4.94 37.59 -10.35
CA GLU A 246 -4.06 37.78 -11.51
C GLU A 246 -3.67 36.49 -12.20
N SER A 247 -3.79 35.33 -11.55
CA SER A 247 -3.48 34.09 -12.25
C SER A 247 -4.51 33.86 -13.34
N GLN A 248 -4.13 33.05 -14.32
CA GLN A 248 -5.04 32.81 -15.44
C GLN A 248 -6.35 32.18 -14.98
N VAL A 249 -6.28 31.13 -14.15
CA VAL A 249 -7.51 30.53 -13.64
C VAL A 249 -8.24 31.51 -12.73
N GLY A 250 -7.49 32.22 -11.88
CA GLY A 250 -8.11 33.16 -10.95
C GLY A 250 -8.78 34.33 -11.64
N THR A 251 -8.29 34.73 -12.81
CA THR A 251 -8.87 35.85 -13.54
C THR A 251 -10.31 35.56 -13.91
N THR A 252 -10.59 34.32 -14.31
CA THR A 252 -11.94 33.90 -14.68
C THR A 252 -12.83 33.61 -13.48
N ASP A 253 -12.26 33.57 -12.28
CA ASP A 253 -12.95 32.99 -11.13
C ASP A 253 -13.63 34.08 -10.30
N ARG A 254 -14.89 33.81 -9.92
CA ARG A 254 -15.71 34.79 -9.21
C ARG A 254 -14.99 35.40 -8.01
N ALA A 255 -14.10 34.61 -7.37
CA ALA A 255 -13.36 35.07 -6.19
C ALA A 255 -11.86 35.06 -6.43
N GLY A 256 -11.40 34.96 -7.67
CA GLY A 256 -9.97 34.91 -7.90
C GLY A 256 -9.29 33.69 -7.36
N VAL A 257 -10.03 32.60 -7.16
CA VAL A 257 -9.44 31.33 -6.74
C VAL A 257 -8.62 30.76 -7.88
N LYS A 258 -7.37 30.41 -7.59
CA LYS A 258 -6.44 29.82 -8.54
C LYS A 258 -6.45 28.31 -8.47
N ASP A 259 -6.86 27.75 -7.33
CA ASP A 259 -6.70 26.33 -7.06
C ASP A 259 -7.29 26.00 -5.71
N VAL A 260 -7.72 24.77 -5.55
CA VAL A 260 -8.05 24.22 -4.24
C VAL A 260 -7.11 23.06 -4.00
N ILE A 261 -6.37 23.11 -2.90
CA ILE A 261 -5.39 22.10 -2.57
C ILE A 261 -5.96 21.28 -1.43
N LEU A 262 -5.95 19.97 -1.58
CA LEU A 262 -6.37 19.08 -0.52
C LEU A 262 -5.15 18.45 0.13
N GLU A 263 -5.13 18.42 1.46
CA GLU A 263 -4.34 17.40 2.15
C GLU A 263 -4.76 16.03 1.66
N SER A 264 -3.83 15.27 1.11
CA SER A 264 -4.21 14.08 0.37
C SER A 264 -3.62 12.81 0.98
N ALA A 265 -2.40 12.50 0.56
CA ALA A 265 -1.70 11.31 1.00
C ALA A 265 -1.14 11.59 2.39
N ILE A 266 -1.95 11.29 3.41
CA ILE A 266 -1.55 11.57 4.78
C ILE A 266 -0.30 10.78 5.13
N THR A 267 -0.29 9.50 4.78
CA THR A 267 0.86 8.64 4.95
C THR A 267 1.18 7.98 3.61
N THR A 268 2.43 7.55 3.47
CA THR A 268 2.89 6.88 2.27
C THR A 268 3.67 5.66 2.70
N ILE A 269 3.39 4.55 2.07
CA ILE A 269 4.17 3.34 2.27
C ILE A 269 5.18 3.25 1.15
N MET A 270 6.45 3.35 1.49
CA MET A 270 7.50 3.10 0.52
C MET A 270 7.80 1.62 0.58
N ASP A 271 7.65 0.94 -0.56
CA ASP A 271 7.49 -0.50 -0.60
C ASP A 271 8.77 -1.18 -1.10
N PHE A 272 9.25 -2.15 -0.33
CA PHE A 272 10.27 -3.09 -0.80
C PHE A 272 9.68 -4.43 -1.19
N GLU A 273 8.36 -4.59 -1.09
CA GLU A 273 7.75 -5.89 -1.27
C GLU A 273 7.08 -6.02 -2.63
N ASP A 274 5.75 -6.05 -2.69
CA ASP A 274 5.07 -6.58 -3.87
C ASP A 274 5.07 -5.63 -5.07
N SER A 275 5.58 -4.40 -4.93
CA SER A 275 5.63 -3.51 -6.08
C SER A 275 7.03 -3.30 -6.62
N VAL A 276 8.04 -4.06 -6.16
CA VAL A 276 9.41 -3.90 -6.66
C VAL A 276 10.00 -5.26 -7.01
N ALA A 277 10.92 -5.25 -7.96
CA ALA A 277 11.76 -6.39 -8.29
C ALA A 277 13.14 -6.11 -7.72
N ALA A 278 13.40 -6.65 -6.54
CA ALA A 278 14.62 -6.42 -5.78
C ALA A 278 15.16 -7.82 -5.49
N VAL A 279 15.94 -8.31 -6.43
CA VAL A 279 16.32 -9.71 -6.53
C VAL A 279 17.74 -9.98 -6.02
N ASP A 280 18.59 -8.96 -5.92
CA ASP A 280 19.98 -9.15 -5.53
C ASP A 280 20.44 -7.90 -4.79
N ALA A 281 21.72 -7.92 -4.41
CA ALA A 281 22.30 -6.82 -3.63
C ALA A 281 22.29 -5.53 -4.42
N ALA A 282 22.55 -5.60 -5.73
CA ALA A 282 22.48 -4.39 -6.55
C ALA A 282 21.09 -3.79 -6.53
N ASP A 283 20.05 -4.62 -6.69
CA ASP A 283 18.68 -4.12 -6.66
C ASP A 283 18.34 -3.54 -5.30
N LYS A 284 18.72 -4.26 -4.22
CA LYS A 284 18.36 -3.83 -2.88
C LYS A 284 19.00 -2.52 -2.51
N VAL A 285 20.18 -2.24 -3.04
CA VAL A 285 20.90 -1.04 -2.68
C VAL A 285 20.22 0.18 -3.29
N LEU A 286 19.83 0.07 -4.56
CA LEU A 286 19.08 1.14 -5.21
C LEU A 286 17.87 1.53 -4.36
N GLY A 287 17.17 0.53 -3.81
CA GLY A 287 16.02 0.85 -2.99
C GLY A 287 16.41 1.45 -1.65
N TYR A 288 17.36 0.80 -0.96
CA TYR A 288 17.88 1.35 0.28
C TYR A 288 18.42 2.76 0.07
N ARG A 289 19.00 3.03 -1.10
CA ARG A 289 19.54 4.36 -1.34
C ARG A 289 18.43 5.39 -1.43
N ASN A 290 17.36 5.07 -2.17
CA ASN A 290 16.19 5.93 -2.21
C ASN A 290 15.59 6.11 -0.81
N TRP A 291 15.45 5.01 -0.07
CA TRP A 291 14.95 5.10 1.31
C TRP A 291 15.84 6.03 2.13
N LEU A 292 17.16 5.98 1.88
CA LEU A 292 18.09 6.87 2.57
C LEU A 292 17.88 8.33 2.18
N GLY A 293 17.75 8.61 0.89
CA GLY A 293 17.51 9.99 0.46
C GLY A 293 16.22 10.56 1.01
N LEU A 294 15.18 9.73 1.12
CA LEU A 294 13.90 10.15 1.70
C LEU A 294 14.04 10.45 3.18
N ASN A 295 14.79 9.62 3.90
CA ASN A 295 14.99 9.86 5.33
C ASN A 295 15.99 10.99 5.58
N LYS A 296 17.02 11.09 4.76
CA LYS A 296 17.86 12.29 4.85
C LYS A 296 17.02 13.53 4.59
N GLY A 297 16.16 13.47 3.56
CA GLY A 297 15.41 14.63 3.12
C GLY A 297 16.00 15.36 1.93
N ASP A 298 16.94 14.74 1.20
CA ASP A 298 17.61 15.40 0.10
C ASP A 298 17.48 14.61 -1.21
N LEU A 299 16.69 13.55 -1.22
CA LEU A 299 16.28 12.93 -2.47
C LEU A 299 15.85 13.99 -3.48
N ALA A 300 16.39 13.88 -4.69
CA ALA A 300 16.04 14.86 -5.71
C ALA A 300 16.27 14.25 -7.09
N ALA A 301 15.64 14.85 -8.09
CA ALA A 301 15.84 14.48 -9.49
C ALA A 301 16.04 15.73 -10.32
N ALA A 302 16.57 15.53 -11.54
CA ALA A 302 16.51 16.54 -12.59
C ALA A 302 15.23 16.39 -13.39
N VAL A 303 15.27 16.76 -14.68
CA VAL A 303 14.14 16.56 -15.62
C VAL A 303 12.81 17.11 -15.08
N LEU A 311 15.03 21.21 -10.79
CA LEU A 311 15.35 20.19 -9.80
C LEU A 311 14.16 19.92 -8.89
N ARG A 312 13.61 18.71 -8.98
CA ARG A 312 12.45 18.34 -8.17
C ARG A 312 12.89 17.84 -6.79
N VAL A 313 12.46 18.52 -5.74
CA VAL A 313 12.92 18.23 -4.39
C VAL A 313 11.76 17.68 -3.56
N LEU A 314 12.08 17.22 -2.36
CA LEU A 314 11.05 16.99 -1.36
C LEU A 314 10.54 18.33 -0.88
N ASN A 315 9.24 18.41 -0.67
CA ASN A 315 8.66 19.66 -0.25
C ASN A 315 9.01 19.94 1.20
N ARG A 316 9.11 21.22 1.50
CA ARG A 316 9.33 21.69 2.85
C ARG A 316 7.97 21.98 3.49
N ASP A 317 8.00 22.26 4.78
CA ASP A 317 6.75 22.49 5.49
C ASP A 317 6.12 23.81 5.07
N ARG A 318 4.82 23.90 5.29
CA ARG A 318 4.00 25.04 4.88
C ARG A 318 3.64 25.87 6.11
N ASN A 319 3.80 27.18 5.99
CA ASN A 319 3.63 28.09 7.12
C ASN A 319 2.38 28.92 6.92
N TYR A 320 1.66 29.13 8.01
CA TYR A 320 0.43 29.90 7.95
C TYR A 320 0.38 30.84 9.12
N THR A 321 -0.39 31.90 8.93
CA THR A 321 -0.86 32.70 10.05
C THR A 321 -2.08 32.01 10.63
N ALA A 322 -2.05 31.75 11.93
CA ALA A 322 -3.20 31.18 12.62
C ALA A 322 -4.39 32.15 12.52
N PRO A 323 -5.61 31.64 12.70
CA PRO A 323 -6.78 32.52 12.50
C PRO A 323 -6.74 33.79 13.32
N GLY A 324 -6.28 33.73 14.57
CA GLY A 324 -6.21 34.93 15.40
C GLY A 324 -4.90 35.68 15.23
N GLY A 325 -3.84 35.16 15.83
CA GLY A 325 -2.51 35.69 15.59
C GLY A 325 -1.64 34.65 14.92
N GLY A 326 -0.54 34.27 15.57
CA GLY A 326 0.15 33.03 15.26
C GLY A 326 0.80 32.88 13.91
N GLN A 327 1.79 32.00 13.84
CA GLN A 327 2.45 31.63 12.58
C GLN A 327 2.85 30.16 12.73
N PHE A 328 1.96 29.27 12.31
CA PHE A 328 2.17 27.85 12.54
C PHE A 328 2.61 27.16 11.25
N THR A 329 2.74 25.84 11.32
CA THR A 329 3.45 25.09 10.30
C THR A 329 2.89 23.68 10.19
N LEU A 330 2.53 23.30 8.99
CA LEU A 330 1.95 22.02 8.67
C LEU A 330 2.92 21.17 7.88
N PRO A 331 2.88 19.85 8.05
CA PRO A 331 3.84 19.00 7.35
C PRO A 331 3.66 19.11 5.84
N GLY A 332 4.76 19.42 5.14
CA GLY A 332 4.72 19.46 3.69
C GLY A 332 4.76 18.12 3.01
N ARG A 333 5.13 17.07 3.74
CA ARG A 333 5.38 15.76 3.17
CA ARG A 333 5.27 15.79 3.09
C ARG A 333 4.53 14.71 3.85
N SER A 334 4.28 13.65 3.12
CA SER A 334 3.56 12.51 3.65
C SER A 334 4.43 11.75 4.64
N LEU A 335 3.89 11.47 5.83
CA LEU A 335 4.57 10.62 6.79
C LEU A 335 4.82 9.25 6.15
N MET A 336 6.05 8.77 6.23
CA MET A 336 6.49 7.66 5.41
C MET A 336 6.59 6.38 6.22
N PHE A 337 5.98 5.32 5.70
CA PHE A 337 6.23 3.98 6.16
C PHE A 337 7.17 3.32 5.20
N VAL A 338 7.72 2.22 5.64
CA VAL A 338 8.43 1.33 4.74
C VAL A 338 7.80 -0.05 4.88
N ARG A 339 7.66 -0.73 3.78
CA ARG A 339 7.12 -2.08 3.79
C ARG A 339 8.29 -3.02 3.53
N ASN A 340 8.74 -3.70 4.58
CA ASN A 340 9.75 -4.73 4.38
C ASN A 340 9.13 -5.89 3.62
N VAL A 341 9.97 -6.82 3.17
CA VAL A 341 9.45 -8.07 2.64
C VAL A 341 9.01 -8.94 3.80
N GLY A 342 8.29 -10.01 3.51
CA GLY A 342 7.80 -10.91 4.54
C GLY A 342 8.92 -11.81 5.00
N HIS A 343 8.55 -12.95 5.58
CA HIS A 343 9.53 -13.85 6.17
C HIS A 343 9.96 -14.98 5.26
N LEU A 344 9.37 -15.10 4.08
CA LEU A 344 9.67 -16.28 3.26
C LEU A 344 10.99 -16.12 2.51
N MET A 345 11.19 -14.96 1.88
CA MET A 345 12.17 -14.90 0.82
C MET A 345 13.60 -14.79 1.36
N THR A 346 14.52 -15.21 0.51
CA THR A 346 15.92 -15.21 0.87
C THR A 346 16.64 -14.43 -0.22
N ASN A 347 17.77 -13.83 0.14
CA ASN A 347 18.46 -12.92 -0.77
C ASN A 347 19.95 -13.12 -0.64
N ASP A 348 20.62 -13.33 -1.80
CA ASP A 348 22.06 -13.55 -1.81
C ASP A 348 22.86 -12.33 -1.43
N ALA A 349 22.22 -11.17 -1.25
CA ALA A 349 22.93 -9.98 -0.78
C ALA A 349 23.81 -10.33 0.41
N ILE A 350 23.35 -11.24 1.26
CA ILE A 350 24.17 -11.87 2.26
C ILE A 350 23.98 -13.37 2.12
N VAL A 351 25.09 -14.09 1.90
CA VAL A 351 25.11 -15.54 2.01
C VAL A 351 25.88 -15.88 3.28
N ASP A 352 25.71 -17.10 3.75
CA ASP A 352 26.49 -17.57 4.89
C ASP A 352 27.73 -18.29 4.38
N THR A 353 28.55 -18.75 5.32
CA THR A 353 29.75 -19.53 5.00
C THR A 353 29.45 -20.68 4.05
N ASP A 354 28.34 -21.39 4.27
CA ASP A 354 28.00 -22.59 3.54
C ASP A 354 27.09 -22.33 2.34
N GLY A 355 27.00 -21.08 1.91
CA GLY A 355 26.21 -20.73 0.73
C GLY A 355 24.73 -20.45 0.98
N SER A 356 24.23 -20.70 2.20
CA SER A 356 22.83 -20.47 2.51
C SER A 356 22.53 -18.98 2.54
N GLU A 357 21.66 -18.53 1.64
CA GLU A 357 21.24 -17.13 1.65
C GLU A 357 20.60 -16.76 2.97
N VAL A 358 20.77 -15.51 3.36
CA VAL A 358 20.23 -14.96 4.59
C VAL A 358 18.80 -14.47 4.32
N PHE A 359 17.96 -14.51 5.36
CA PHE A 359 16.56 -14.19 5.22
C PHE A 359 16.36 -12.71 4.94
N GLU A 360 15.62 -12.41 3.87
CA GLU A 360 15.44 -11.04 3.40
C GLU A 360 14.75 -10.17 4.46
N GLY A 361 13.72 -10.71 5.13
CA GLY A 361 13.01 -9.92 6.14
C GLY A 361 13.90 -9.46 7.27
N ILE A 362 14.83 -10.32 7.71
CA ILE A 362 15.78 -9.92 8.74
C ILE A 362 16.64 -8.77 8.24
N MET A 363 17.23 -8.94 7.05
CA MET A 363 18.09 -7.91 6.45
C MET A 363 17.37 -6.58 6.36
N ASP A 364 16.14 -6.59 5.83
CA ASP A 364 15.37 -5.36 5.67
C ASP A 364 15.15 -4.65 7.00
N ALA A 365 14.83 -5.41 8.04
CA ALA A 365 14.58 -4.80 9.34
C ALA A 365 15.80 -4.02 9.81
N LEU A 366 16.99 -4.60 9.64
CA LEU A 366 18.23 -3.95 10.07
C LEU A 366 18.57 -2.77 9.17
N PHE A 367 18.51 -2.98 7.85
CA PHE A 367 18.94 -1.93 6.92
C PHE A 367 17.91 -0.81 6.79
N THR A 368 16.63 -1.13 6.57
CA THR A 368 15.66 -0.04 6.56
C THR A 368 15.55 0.58 7.95
N GLY A 369 15.70 -0.22 9.00
CA GLY A 369 15.78 0.32 10.34
C GLY A 369 16.93 1.31 10.49
N LEU A 370 18.17 0.86 10.21
CA LEU A 370 19.32 1.76 10.27
C LEU A 370 19.06 3.06 9.50
N ILE A 371 18.67 2.93 8.22
CA ILE A 371 18.44 4.10 7.37
C ILE A 371 17.39 5.02 7.98
N ALA A 372 16.36 4.45 8.60
CA ALA A 372 15.31 5.29 9.15
C ALA A 372 15.79 6.14 10.31
N ILE A 373 16.93 5.79 10.94
CA ILE A 373 17.48 6.66 11.98
C ILE A 373 17.63 8.08 11.46
N HIS A 374 18.09 8.23 10.21
CA HIS A 374 18.30 9.55 9.64
C HIS A 374 17.01 10.36 9.56
N GLY A 375 15.87 9.71 9.43
CA GLY A 375 14.64 10.46 9.35
C GLY A 375 14.07 10.87 10.68
N LEU A 376 14.75 10.62 11.78
CA LEU A 376 14.28 11.15 13.05
C LEU A 376 14.98 12.43 13.49
N LYS A 377 15.97 12.93 12.73
CA LYS A 377 16.67 14.16 13.10
C LYS A 377 16.92 15.04 11.87
N ALA A 378 17.25 16.29 12.16
CA ALA A 378 17.81 17.22 11.19
C ALA A 378 18.97 17.98 11.84
N ASP A 380 24.10 18.50 7.25
CA ASP A 380 24.27 18.53 8.69
C ASP A 380 24.35 17.11 9.25
N VAL A 381 24.62 16.16 8.34
CA VAL A 381 24.52 14.71 8.54
C VAL A 381 23.11 14.37 9.06
N ASN A 382 22.55 13.25 8.58
CA ASN A 382 21.13 12.90 8.71
C ASN A 382 20.26 13.69 7.73
N GLY A 383 20.79 14.75 7.13
CA GLY A 383 20.04 15.52 6.17
C GLY A 383 18.97 16.35 6.86
N PRO A 384 18.36 17.28 6.11
CA PRO A 384 17.54 18.33 6.73
C PRO A 384 16.08 18.02 7.06
N LEU A 385 15.49 16.92 6.60
CA LEU A 385 14.05 16.70 6.73
C LEU A 385 13.73 15.58 7.71
N ILE A 386 12.72 15.81 8.53
CA ILE A 386 12.28 14.85 9.53
C ILE A 386 11.06 14.10 9.00
N ASN A 387 11.02 12.81 9.27
CA ASN A 387 9.88 11.97 8.91
C ASN A 387 8.91 11.92 10.09
N SER A 388 9.18 11.04 11.05
CA SER A 388 8.43 11.01 12.30
C SER A 388 8.93 12.07 13.26
N ARG A 389 8.06 13.02 13.61
CA ARG A 389 8.27 13.92 14.74
C ARG A 389 7.97 13.26 16.11
N THR A 390 8.02 11.93 16.21
CA THR A 390 7.85 11.23 17.47
C THR A 390 8.92 10.17 17.67
N GLY A 391 9.90 10.09 16.77
CA GLY A 391 10.97 9.12 16.91
C GLY A 391 10.56 7.70 16.63
N SER A 392 9.44 7.50 15.95
CA SER A 392 9.04 6.15 15.59
C SER A 392 9.52 5.83 14.19
N ILE A 393 9.72 4.54 13.96
CA ILE A 393 10.09 4.01 12.67
C ILE A 393 8.96 3.08 12.27
N TYR A 394 8.37 3.33 11.12
CA TYR A 394 7.12 2.69 10.71
C TYR A 394 7.41 1.64 9.65
N ILE A 395 7.28 0.38 10.02
CA ILE A 395 7.51 -0.73 9.11
C ILE A 395 6.22 -1.52 8.99
N VAL A 396 5.62 -1.51 7.83
CA VAL A 396 4.54 -2.44 7.61
C VAL A 396 5.17 -3.78 7.25
N LYS A 397 4.74 -4.82 7.93
CA LYS A 397 5.26 -6.16 7.70
C LYS A 397 4.17 -6.97 7.02
N PRO A 398 4.44 -7.51 5.84
CA PRO A 398 3.38 -8.19 5.09
C PRO A 398 3.48 -9.70 5.19
N LYS A 399 2.41 -10.38 4.79
CA LYS A 399 2.40 -11.84 4.62
C LYS A 399 2.75 -12.61 5.89
N MET A 400 2.52 -12.05 7.06
CA MET A 400 2.62 -12.81 8.30
C MET A 400 1.44 -13.80 8.42
N HIS A 401 1.74 -15.06 8.71
CA HIS A 401 0.71 -16.09 8.89
C HIS A 401 0.60 -16.45 10.36
N GLY A 402 -0.31 -15.80 11.06
CA GLY A 402 -0.61 -16.17 12.42
C GLY A 402 0.16 -15.40 13.46
N PRO A 403 -0.26 -15.54 14.71
CA PRO A 403 0.29 -14.70 15.79
C PRO A 403 1.72 -15.02 16.15
N ALA A 404 2.20 -16.23 15.88
CA ALA A 404 3.59 -16.54 16.19
C ALA A 404 4.56 -15.87 15.21
N GLU A 405 4.10 -15.60 13.97
CA GLU A 405 4.93 -14.82 13.06
C GLU A 405 4.93 -13.35 13.46
N VAL A 406 3.84 -12.85 14.03
CA VAL A 406 3.84 -11.49 14.57
C VAL A 406 4.83 -11.40 15.73
N ALA A 407 4.77 -12.37 16.65
CA ALA A 407 5.63 -12.32 17.81
C ALA A 407 7.09 -12.34 17.39
N PHE A 408 7.42 -13.17 16.40
CA PHE A 408 8.76 -13.24 15.86
C PHE A 408 9.20 -11.90 15.26
N THR A 409 8.31 -11.25 14.52
CA THR A 409 8.62 -9.90 14.02
C THR A 409 8.88 -8.90 15.15
N CYS A 410 8.11 -8.98 16.24
CA CYS A 410 8.34 -8.08 17.36
C CYS A 410 9.65 -8.40 18.06
N GLU A 411 9.96 -9.68 18.22
CA GLU A 411 11.28 -10.06 18.68
C GLU A 411 12.36 -9.60 17.70
N LEU A 412 12.11 -9.79 16.39
CA LEU A 412 13.08 -9.32 15.41
C LEU A 412 13.32 -7.82 15.55
N PHE A 413 12.24 -7.04 15.65
CA PHE A 413 12.40 -5.59 15.78
C PHE A 413 13.07 -5.25 17.10
N SER A 414 12.83 -6.06 18.13
CA SER A 414 13.51 -5.88 19.41
C SER A 414 15.02 -5.96 19.24
N ARG A 415 15.48 -7.02 18.56
CA ARG A 415 16.91 -7.26 18.37
C ARG A 415 17.53 -6.21 17.47
N VAL A 416 16.83 -5.77 16.43
CA VAL A 416 17.34 -4.73 15.57
C VAL A 416 17.54 -3.44 16.35
N GLU A 417 16.56 -3.08 17.18
CA GLU A 417 16.70 -1.86 17.97
C GLU A 417 17.88 -1.95 18.91
N ASP A 418 18.26 -3.18 19.30
CA ASP A 418 19.46 -3.38 20.09
C ASP A 418 20.70 -3.07 19.28
N VAL A 419 20.86 -3.77 18.14
CA VAL A 419 21.98 -3.53 17.24
C VAL A 419 22.07 -2.06 16.86
N LEU A 420 20.92 -1.39 16.71
CA LEU A 420 20.91 -0.03 16.18
C LEU A 420 21.01 1.03 17.27
N GLY A 421 20.89 0.67 18.54
CA GLY A 421 20.98 1.68 19.57
C GLY A 421 19.72 2.48 19.78
N LEU A 422 18.61 1.97 19.34
CA LEU A 422 17.32 2.62 19.51
C LEU A 422 16.64 2.14 20.78
N PRO A 423 15.83 2.98 21.39
CA PRO A 423 14.93 2.51 22.44
C PRO A 423 14.02 1.41 21.91
N GLN A 424 13.55 0.55 22.82
CA GLN A 424 12.60 -0.48 22.42
C GLN A 424 11.27 0.14 22.00
N ASN A 425 10.56 -0.57 21.12
CA ASN A 425 9.30 -0.11 20.50
C ASN A 425 9.47 1.18 19.72
N THR A 426 10.69 1.48 19.29
CA THR A 426 10.85 2.54 18.31
C THR A 426 10.31 2.09 16.96
N MET A 427 10.54 0.83 16.60
CA MET A 427 10.11 0.30 15.31
C MET A 427 8.67 -0.20 15.42
N LYS A 428 7.74 0.65 15.03
CA LYS A 428 6.32 0.32 14.98
C LYS A 428 6.02 -0.62 13.81
N ILE A 429 4.88 -1.31 13.91
CA ILE A 429 4.51 -2.36 12.96
C ILE A 429 3.12 -2.10 12.40
N GLY A 430 3.03 -1.96 11.09
CA GLY A 430 1.77 -2.03 10.40
C GLY A 430 1.55 -3.46 9.97
N ILE A 431 0.57 -4.12 10.58
CA ILE A 431 0.26 -5.51 10.29
C ILE A 431 -0.63 -5.56 9.05
N MET A 432 -0.20 -6.29 8.04
CA MET A 432 -1.07 -6.61 6.91
C MET A 432 -1.92 -7.82 7.31
N ASP A 433 -3.23 -7.61 7.37
CA ASP A 433 -4.16 -8.73 7.48
C ASP A 433 -4.37 -9.20 6.05
N GLU A 434 -3.72 -10.28 5.67
CA GLU A 434 -3.75 -10.68 4.27
C GLU A 434 -3.34 -12.13 4.08
N GLU A 435 -3.26 -12.87 5.17
CA GLU A 435 -3.16 -14.31 5.09
C GLU A 435 -4.30 -14.88 5.93
N ARG A 436 -4.82 -16.04 5.52
CA ARG A 436 -5.99 -16.60 6.19
C ARG A 436 -5.71 -16.90 7.66
N ARG A 437 -4.49 -17.33 8.01
CA ARG A 437 -4.20 -17.64 9.40
C ARG A 437 -4.08 -16.40 10.28
N THR A 438 -3.81 -15.25 9.70
CA THR A 438 -3.90 -14.02 10.49
C THR A 438 -5.36 -13.59 10.63
N THR A 439 -6.15 -13.72 9.57
CA THR A 439 -7.56 -13.33 9.64
C THR A 439 -8.27 -14.04 10.78
N VAL A 440 -8.19 -15.38 10.82
CA VAL A 440 -8.96 -16.12 11.82
C VAL A 440 -8.33 -16.06 13.21
N ASN A 441 -7.22 -15.34 13.36
CA ASN A 441 -6.53 -15.15 14.63
C ASN A 441 -6.14 -13.70 14.83
N LEU A 442 -6.86 -12.77 14.20
CA LEU A 442 -6.42 -11.40 14.10
C LEU A 442 -6.28 -10.75 15.47
N LYS A 443 -7.16 -11.10 16.40
CA LYS A 443 -7.07 -10.48 17.71
C LYS A 443 -5.82 -10.95 18.45
N ALA A 444 -5.45 -12.23 18.28
CA ALA A 444 -4.20 -12.69 18.89
C ALA A 444 -3.00 -12.03 18.24
N CYS A 445 -3.08 -11.73 16.94
CA CYS A 445 -1.96 -11.10 16.24
C CYS A 445 -1.76 -9.67 16.72
N ILE A 446 -2.83 -8.92 16.85
CA ILE A 446 -2.72 -7.57 17.42
C ILE A 446 -2.15 -7.65 18.83
N LYS A 447 -2.61 -8.62 19.64
CA LYS A 447 -2.10 -8.76 20.99
C LYS A 447 -0.60 -9.03 20.97
N ALA A 448 -0.17 -9.96 20.12
CA ALA A 448 1.25 -10.26 19.93
C ALA A 448 2.07 -9.05 19.54
N ALA A 449 1.43 -7.94 19.18
CA ALA A 449 2.13 -6.72 18.81
C ALA A 449 1.54 -5.51 19.53
N ALA A 450 0.97 -5.71 20.71
CA ALA A 450 0.10 -4.70 21.33
C ALA A 450 0.81 -3.37 21.56
N ASP A 451 2.14 -3.37 21.70
CA ASP A 451 2.93 -2.16 21.95
C ASP A 451 3.67 -1.65 20.72
N ARG A 452 3.72 -2.42 19.63
CA ARG A 452 4.30 -1.94 18.39
C ARG A 452 3.29 -1.71 17.27
N VAL A 453 2.06 -2.21 17.41
CA VAL A 453 1.13 -2.15 16.30
C VAL A 453 0.67 -0.72 16.05
N VAL A 454 0.67 -0.33 14.79
CA VAL A 454 0.29 1.04 14.45
C VAL A 454 -0.71 1.08 13.32
N PHE A 455 -0.89 0.00 12.56
CA PHE A 455 -2.13 -0.18 11.85
C PHE A 455 -2.39 -1.66 11.62
N ILE A 456 -3.61 -1.95 11.20
CA ILE A 456 -3.92 -3.15 10.45
C ILE A 456 -4.51 -2.72 9.12
N ASN A 457 -4.18 -3.46 8.07
CA ASN A 457 -4.73 -3.23 6.75
C ASN A 457 -5.14 -4.58 6.16
N THR A 458 -6.31 -4.60 5.54
CA THR A 458 -6.75 -5.77 4.81
C THR A 458 -6.06 -5.77 3.46
N GLY A 459 -5.05 -6.61 3.33
CA GLY A 459 -4.43 -6.84 2.03
C GLY A 459 -5.28 -7.77 1.19
N PHE A 460 -6.44 -7.28 0.75
CA PHE A 460 -7.46 -8.18 0.21
C PHE A 460 -7.00 -8.89 -1.05
N LEU A 461 -5.93 -8.41 -1.69
CA LEU A 461 -5.43 -9.12 -2.86
C LEU A 461 -4.60 -10.34 -2.46
N ASP A 462 -3.62 -10.16 -1.56
CA ASP A 462 -2.89 -11.33 -1.07
C ASP A 462 -3.81 -12.26 -0.31
N ARG A 463 -4.85 -11.72 0.35
CA ARG A 463 -5.75 -12.54 1.14
C ARG A 463 -6.57 -13.47 0.24
N THR A 464 -6.98 -12.97 -0.93
CA THR A 464 -7.63 -13.84 -1.90
C THR A 464 -6.67 -14.94 -2.36
N GLY A 465 -5.41 -14.60 -2.58
CA GLY A 465 -4.43 -15.61 -2.93
C GLY A 465 -4.27 -16.66 -1.84
N ASP A 466 -4.10 -16.21 -0.59
CA ASP A 466 -4.03 -17.18 0.51
C ASP A 466 -5.28 -18.03 0.58
N GLU A 467 -6.45 -17.43 0.35
CA GLU A 467 -7.70 -18.17 0.38
C GLU A 467 -7.71 -19.27 -0.66
N ILE A 468 -7.28 -18.96 -1.88
CA ILE A 468 -7.32 -19.95 -2.95
C ILE A 468 -6.32 -21.05 -2.68
N HIS A 469 -5.13 -20.69 -2.21
CA HIS A 469 -4.09 -21.69 -2.02
C HIS A 469 -4.38 -22.57 -0.82
N THR A 470 -4.95 -22.02 0.24
CA THR A 470 -5.21 -22.83 1.44
C THR A 470 -6.20 -23.95 1.15
N SER A 471 -7.25 -23.66 0.38
CA SER A 471 -8.26 -24.65 0.04
C SER A 471 -8.14 -25.09 -1.41
N MET A 472 -6.94 -24.94 -1.97
CA MET A 472 -6.66 -25.43 -3.30
C MET A 472 -7.28 -26.79 -3.56
N GLU A 473 -7.11 -27.73 -2.62
CA GLU A 473 -7.57 -29.10 -2.78
C GLU A 473 -9.06 -29.29 -2.53
N ALA A 474 -9.79 -28.25 -2.17
CA ALA A 474 -11.20 -28.42 -1.82
C ALA A 474 -12.10 -28.51 -3.03
N GLY A 475 -11.63 -28.06 -4.19
CA GLY A 475 -12.43 -28.01 -5.40
C GLY A 475 -12.19 -26.70 -6.12
N PRO A 476 -12.78 -26.56 -7.31
CA PRO A 476 -12.57 -25.33 -8.09
C PRO A 476 -13.08 -24.10 -7.34
N MET A 477 -12.37 -22.99 -7.50
CA MET A 477 -12.80 -21.73 -6.93
C MET A 477 -13.70 -20.97 -7.90
N VAL A 478 -14.42 -20.00 -7.35
CA VAL A 478 -15.15 -19.07 -8.21
C VAL A 478 -14.15 -18.25 -9.01
N ARG A 479 -14.60 -17.75 -10.16
CA ARG A 479 -13.81 -16.84 -10.97
C ARG A 479 -13.38 -15.63 -10.15
N LYS A 480 -12.28 -15.01 -10.59
CA LYS A 480 -11.61 -14.00 -9.77
C LYS A 480 -12.50 -12.79 -9.55
N GLY A 481 -13.23 -12.37 -10.59
CA GLY A 481 -14.13 -11.24 -10.45
C GLY A 481 -15.23 -11.45 -9.43
N THR A 482 -15.53 -12.71 -9.13
CA THR A 482 -16.59 -13.10 -8.21
C THR A 482 -16.14 -13.02 -6.76
N MET A 483 -14.84 -13.05 -6.52
CA MET A 483 -14.34 -13.11 -5.15
C MET A 483 -14.79 -11.93 -4.32
N LYS A 484 -14.94 -10.77 -4.97
CA LYS A 484 -15.31 -9.54 -4.29
C LYS A 484 -16.61 -9.66 -3.52
N SER A 485 -17.47 -10.60 -3.89
CA SER A 485 -18.78 -10.76 -3.26
C SER A 485 -18.89 -12.04 -2.45
N GLN A 486 -17.79 -12.76 -2.29
CA GLN A 486 -17.85 -14.02 -1.55
C GLN A 486 -18.05 -13.76 -0.06
N PRO A 487 -18.86 -14.60 0.62
CA PRO A 487 -19.03 -14.45 2.07
C PRO A 487 -17.74 -14.28 2.83
N TRP A 488 -16.68 -15.02 2.49
CA TRP A 488 -15.47 -15.01 3.30
C TRP A 488 -14.82 -13.64 3.28
N ILE A 489 -14.80 -12.99 2.12
CA ILE A 489 -14.14 -11.71 2.00
C ILE A 489 -14.94 -10.62 2.65
N LEU A 490 -16.27 -10.73 2.66
CA LEU A 490 -17.08 -9.71 3.31
C LEU A 490 -16.97 -9.82 4.82
N ALA A 491 -16.92 -11.04 5.33
CA ALA A 491 -16.66 -11.19 6.75
C ALA A 491 -15.23 -10.75 7.09
N TYR A 492 -14.27 -11.10 6.24
CA TYR A 492 -12.88 -10.70 6.45
C TYR A 492 -12.76 -9.18 6.62
N GLU A 493 -13.36 -8.42 5.72
CA GLU A 493 -13.27 -6.97 5.81
C GLU A 493 -13.91 -6.45 7.09
N ASP A 494 -15.11 -6.95 7.43
CA ASP A 494 -15.79 -6.48 8.63
C ASP A 494 -15.06 -6.94 9.89
N HIS A 495 -14.53 -8.15 9.87
CA HIS A 495 -13.83 -8.68 11.04
C HIS A 495 -12.61 -7.82 11.35
N ASN A 496 -11.88 -7.40 10.31
CA ASN A 496 -10.67 -6.62 10.50
C ASN A 496 -10.98 -5.31 11.19
N VAL A 497 -12.06 -4.64 10.78
CA VAL A 497 -12.44 -3.39 11.42
C VAL A 497 -12.87 -3.63 12.86
N ASP A 498 -13.68 -4.68 13.09
CA ASP A 498 -14.13 -5.04 14.44
C ASP A 498 -12.96 -5.26 15.38
N ALA A 499 -12.04 -6.16 14.99
CA ALA A 499 -10.95 -6.51 15.89
C ALA A 499 -10.08 -5.30 16.18
N GLY A 500 -9.85 -4.46 15.17
CA GLY A 500 -9.09 -3.25 15.40
C GLY A 500 -9.81 -2.32 16.36
N LEU A 501 -11.11 -2.13 16.16
CA LEU A 501 -11.82 -1.24 17.07
C LEU A 501 -11.96 -1.84 18.46
N ALA A 502 -12.06 -3.16 18.56
CA ALA A 502 -12.07 -3.82 19.86
C ALA A 502 -10.72 -3.69 20.56
N ALA A 503 -9.66 -3.47 19.80
CA ALA A 503 -8.32 -3.40 20.37
C ALA A 503 -7.93 -1.99 20.78
N GLY A 504 -8.83 -1.02 20.62
CA GLY A 504 -8.56 0.36 20.93
C GLY A 504 -8.02 1.20 19.78
N PHE A 505 -8.00 0.66 18.56
CA PHE A 505 -7.32 1.35 17.45
C PHE A 505 -7.83 2.77 17.25
N SER A 506 -9.11 3.01 17.53
CA SER A 506 -9.71 4.32 17.33
C SER A 506 -8.92 5.38 18.08
N GLY A 507 -8.31 6.31 17.36
CA GLY A 507 -7.52 7.32 18.00
C GLY A 507 -6.16 6.85 18.49
N ARG A 508 -5.83 5.58 18.31
CA ARG A 508 -4.51 5.06 18.65
C ARG A 508 -3.76 4.49 17.46
N ALA A 509 -4.45 4.13 16.39
CA ALA A 509 -3.86 3.32 15.34
C ALA A 509 -4.81 3.33 14.15
N GLN A 510 -4.29 2.98 12.98
CA GLN A 510 -5.07 3.01 11.75
C GLN A 510 -5.73 1.67 11.49
N VAL A 511 -6.99 1.73 11.07
CA VAL A 511 -7.69 0.61 10.47
C VAL A 511 -7.77 0.92 8.98
N GLY A 512 -7.11 0.11 8.16
CA GLY A 512 -6.86 0.47 6.78
C GLY A 512 -7.43 -0.58 5.83
N LYS A 513 -7.82 -0.13 4.66
CA LYS A 513 -8.40 -1.03 3.68
C LYS A 513 -7.58 -0.95 2.40
N GLY A 514 -7.81 -1.90 1.50
CA GLY A 514 -6.89 -2.17 0.41
C GLY A 514 -7.00 -1.24 -0.78
N MET A 515 -6.31 -1.65 -1.84
CA MET A 515 -5.85 -0.76 -2.89
C MET A 515 -6.87 -0.67 -4.02
N TRP A 516 -7.15 0.55 -4.46
CA TRP A 516 -7.86 0.78 -5.71
C TRP A 516 -6.88 0.56 -6.86
N THR A 517 -7.20 -0.38 -7.73
CA THR A 517 -6.25 -0.79 -8.76
C THR A 517 -6.54 -0.22 -10.14
N MET A 518 -7.74 0.30 -10.38
CA MET A 518 -8.09 0.80 -11.70
C MET A 518 -7.69 2.27 -11.81
N THR A 519 -6.42 2.48 -12.13
CA THR A 519 -5.85 3.82 -12.03
C THR A 519 -6.48 4.80 -13.00
N GLU A 520 -7.16 4.32 -14.04
CA GLU A 520 -7.81 5.24 -14.98
C GLU A 520 -9.28 5.48 -14.68
N LEU A 521 -9.93 4.69 -13.81
CA LEU A 521 -11.35 4.92 -13.53
C LEU A 521 -11.54 5.63 -12.20
N MET A 522 -11.13 6.90 -12.20
CA MET A 522 -11.26 7.76 -11.02
C MET A 522 -12.70 8.12 -10.73
N ALA A 523 -13.49 8.40 -11.76
CA ALA A 523 -14.93 8.60 -11.56
C ALA A 523 -15.51 7.45 -10.75
N ASP A 524 -15.20 6.22 -11.16
CA ASP A 524 -15.64 5.06 -10.41
C ASP A 524 -15.02 5.01 -9.03
N MET A 525 -13.73 5.38 -8.92
CA MET A 525 -13.12 5.42 -7.62
C MET A 525 -13.85 6.40 -6.70
N VAL A 526 -14.21 7.57 -7.23
CA VAL A 526 -14.84 8.59 -6.38
C VAL A 526 -16.23 8.10 -5.96
N GLU A 527 -16.87 7.33 -6.83
CA GLU A 527 -18.18 6.76 -6.58
C GLU A 527 -18.13 5.61 -5.57
N THR A 528 -17.21 4.66 -5.74
CA THR A 528 -17.31 3.45 -4.91
C THR A 528 -16.32 3.39 -3.75
N LYS A 529 -15.18 4.08 -3.81
CA LYS A 529 -14.21 3.88 -2.72
C LYS A 529 -14.65 4.55 -1.43
N ILE A 530 -15.68 5.41 -1.49
CA ILE A 530 -16.30 5.94 -0.28
C ILE A 530 -16.76 4.81 0.65
N ALA A 531 -17.13 3.65 0.10
CA ALA A 531 -17.53 2.55 0.97
C ALA A 531 -16.49 2.25 2.06
N GLN A 532 -15.21 2.55 1.83
CA GLN A 532 -14.20 2.15 2.80
C GLN A 532 -14.18 3.07 4.02
N PRO A 533 -14.14 4.39 3.87
CA PRO A 533 -14.41 5.23 5.05
C PRO A 533 -15.76 4.92 5.69
N ARG A 534 -16.81 4.68 4.90
CA ARG A 534 -18.13 4.43 5.47
C ARG A 534 -18.19 3.16 6.29
N ALA A 535 -17.27 2.22 6.04
CA ALA A 535 -17.16 1.00 6.82
C ALA A 535 -16.20 1.17 7.98
N GLY A 536 -15.72 2.39 8.23
CA GLY A 536 -14.94 2.69 9.41
C GLY A 536 -13.44 2.61 9.26
N ALA A 537 -12.93 2.37 8.05
CA ALA A 537 -11.49 2.40 7.82
C ALA A 537 -10.99 3.83 7.95
N SER A 538 -9.96 4.04 8.77
CA SER A 538 -9.39 5.37 8.87
C SER A 538 -8.44 5.69 7.73
N THR A 539 -8.01 4.69 6.97
CA THR A 539 -7.23 4.93 5.77
C THR A 539 -7.60 3.85 4.75
N ALA A 540 -7.29 4.12 3.50
CA ALA A 540 -7.43 3.14 2.43
C ALA A 540 -6.34 3.48 1.40
N TRP A 541 -5.91 2.48 0.63
CA TRP A 541 -4.73 2.62 -0.20
C TRP A 541 -5.07 3.11 -1.60
N VAL A 542 -4.22 4.01 -2.10
CA VAL A 542 -4.38 4.60 -3.42
C VAL A 542 -3.07 4.39 -4.16
N PRO A 543 -3.10 4.14 -5.47
CA PRO A 543 -1.87 3.84 -6.21
C PRO A 543 -1.11 5.07 -6.67
N SER A 544 -1.57 6.27 -6.33
CA SER A 544 -1.17 7.44 -7.08
C SER A 544 -1.46 8.70 -6.29
N PRO A 545 -0.59 9.71 -6.38
CA PRO A 545 -0.91 11.02 -5.75
C PRO A 545 -2.25 11.57 -6.17
N THR A 546 -2.50 11.64 -7.47
CA THR A 546 -3.81 12.01 -8.00
C THR A 546 -4.94 11.25 -7.30
N ALA A 547 -4.83 9.92 -7.24
CA ALA A 547 -5.85 9.13 -6.55
C ALA A 547 -5.96 9.50 -5.08
N ALA A 548 -4.82 9.83 -4.43
CA ALA A 548 -4.88 10.24 -3.03
C ALA A 548 -5.80 11.43 -2.87
N THR A 549 -5.61 12.48 -3.68
CA THR A 549 -6.40 13.67 -3.49
C THR A 549 -7.87 13.39 -3.81
N LEU A 550 -8.15 12.62 -4.86
CA LEU A 550 -9.54 12.27 -5.16
C LEU A 550 -10.15 11.44 -4.05
N HIS A 551 -9.40 10.49 -3.51
CA HIS A 551 -9.94 9.71 -2.41
C HIS A 551 -10.01 10.56 -1.14
N ALA A 552 -9.30 11.69 -1.09
CA ALA A 552 -9.44 12.57 0.06
C ALA A 552 -10.83 13.17 0.15
N LEU A 553 -11.50 13.38 -1.00
CA LEU A 553 -12.91 13.81 -1.00
C LEU A 553 -13.74 12.99 -0.03
N HIS A 554 -13.56 11.67 -0.06
CA HIS A 554 -14.37 10.75 0.71
C HIS A 554 -14.22 10.96 2.22
N TYR A 555 -13.05 11.39 2.68
CA TYR A 555 -12.91 11.59 4.12
C TYR A 555 -13.52 12.90 4.54
N HIS A 556 -13.76 13.80 3.60
CA HIS A 556 -14.55 14.98 3.89
C HIS A 556 -16.04 14.67 3.99
N GLN A 557 -16.53 13.69 3.23
CA GLN A 557 -17.96 13.39 3.29
C GLN A 557 -18.31 12.43 4.40
N VAL A 558 -17.40 11.51 4.74
CA VAL A 558 -17.61 10.52 5.78
C VAL A 558 -16.79 10.91 7.00
N ASP A 559 -17.45 10.96 8.15
CA ASP A 559 -16.81 11.26 9.44
C ASP A 559 -16.32 9.94 10.01
N VAL A 560 -15.11 9.55 9.60
CA VAL A 560 -14.61 8.20 9.90
C VAL A 560 -14.64 7.93 11.39
N ALA A 561 -14.11 8.86 12.19
CA ALA A 561 -14.18 8.70 13.65
C ALA A 561 -15.62 8.46 14.13
N ALA A 562 -16.58 9.25 13.63
CA ALA A 562 -17.97 9.04 14.02
C ALA A 562 -18.51 7.67 13.56
N VAL A 563 -18.06 7.19 12.40
CA VAL A 563 -18.47 5.85 11.98
C VAL A 563 -17.88 4.79 12.94
N GLN A 564 -16.65 4.99 13.41
CA GLN A 564 -16.02 3.99 14.25
C GLN A 564 -16.60 3.98 15.66
N GLN A 565 -17.10 5.11 16.14
CA GLN A 565 -17.84 5.10 17.40
C GLN A 565 -19.07 4.20 17.29
N GLY A 566 -19.89 4.42 16.26
CA GLY A 566 -21.09 3.64 16.04
C GLY A 566 -20.86 2.16 15.82
N LEU A 567 -19.65 1.76 15.43
CA LEU A 567 -19.36 0.34 15.24
C LEU A 567 -18.83 -0.34 16.49
N ALA A 568 -18.66 0.39 17.59
CA ALA A 568 -18.00 -0.14 18.77
C ALA A 568 -18.73 -1.36 19.32
N GLY A 569 -17.96 -2.38 19.69
CA GLY A 569 -18.51 -3.56 20.31
C GLY A 569 -19.25 -4.52 19.41
N LYS A 570 -19.65 -4.07 18.21
CA LYS A 570 -20.44 -4.92 17.32
C LYS A 570 -19.57 -5.98 16.67
N ARG A 571 -19.97 -7.23 16.79
CA ARG A 571 -19.21 -8.36 16.23
C ARG A 571 -20.00 -8.88 15.05
N ARG A 572 -19.64 -8.39 13.86
CA ARG A 572 -20.42 -8.61 12.65
C ARG A 572 -19.92 -9.79 11.84
N ALA A 573 -18.95 -10.54 12.36
CA ALA A 573 -18.33 -11.62 11.59
C ALA A 573 -18.16 -12.82 12.49
N THR A 574 -18.75 -13.95 12.07
CA THR A 574 -18.63 -15.22 12.76
C THR A 574 -17.40 -15.98 12.25
N ILE A 575 -16.90 -16.92 13.04
CA ILE A 575 -15.76 -17.69 12.54
C ILE A 575 -16.19 -18.53 11.35
N GLU A 576 -17.46 -18.98 11.31
CA GLU A 576 -17.93 -19.82 10.21
C GLU A 576 -17.97 -19.07 8.89
N GLN A 577 -18.32 -17.77 8.91
CA GLN A 577 -18.32 -17.00 7.66
C GLN A 577 -16.92 -16.72 7.15
N LEU A 578 -15.95 -16.57 8.06
CA LEU A 578 -14.56 -16.41 7.66
C LEU A 578 -14.02 -17.66 6.99
N LEU A 579 -14.51 -18.83 7.39
CA LEU A 579 -14.03 -20.12 6.90
C LEU A 579 -14.80 -20.64 5.69
N THR A 580 -15.70 -19.85 5.13
CA THR A 580 -16.48 -20.30 3.98
C THR A 580 -15.61 -20.27 2.73
N ILE A 581 -15.22 -21.45 2.28
CA ILE A 581 -14.33 -21.55 1.12
C ILE A 581 -15.07 -21.08 -0.13
N PRO A 582 -14.45 -20.21 -0.97
CA PRO A 582 -15.12 -19.72 -2.20
C PRO A 582 -15.18 -20.76 -3.30
N LEU A 583 -15.84 -21.88 -3.03
CA LEU A 583 -15.99 -22.92 -4.05
C LEU A 583 -17.04 -22.54 -5.08
N ALA A 584 -16.80 -22.97 -6.31
CA ALA A 584 -17.76 -22.84 -7.39
C ALA A 584 -18.84 -23.93 -7.26
N LYS A 585 -19.97 -23.68 -7.94
CA LYS A 585 -21.18 -24.49 -7.79
C LYS A 585 -21.09 -25.85 -8.45
N GLU A 586 -22.18 -26.29 -9.08
CA GLU A 586 -22.24 -27.59 -9.72
C GLU A 586 -21.83 -27.47 -11.18
N LEU A 587 -22.80 -27.22 -12.07
CA LEU A 587 -22.47 -27.10 -13.49
C LEU A 587 -21.52 -25.95 -13.76
N ALA A 588 -21.36 -25.04 -12.79
CA ALA A 588 -20.40 -23.95 -12.83
C ALA A 588 -20.61 -23.04 -14.03
N TRP A 589 -19.82 -23.25 -15.07
CA TRP A 589 -19.63 -22.28 -16.15
C TRP A 589 -19.68 -22.94 -17.51
N ALA A 590 -20.08 -22.14 -18.51
CA ALA A 590 -19.97 -22.50 -19.91
C ALA A 590 -18.52 -22.41 -20.36
N PRO A 591 -18.13 -23.19 -21.38
CA PRO A 591 -16.74 -23.06 -21.89
C PRO A 591 -16.42 -21.62 -22.28
N ASP A 592 -17.41 -20.92 -22.82
CA ASP A 592 -17.52 -19.46 -22.90
C ASP A 592 -16.80 -18.78 -21.73
N GLU A 593 -17.40 -18.87 -20.54
CA GLU A 593 -16.89 -18.20 -19.36
C GLU A 593 -15.51 -18.72 -18.97
N ILE A 594 -15.28 -20.03 -19.08
CA ILE A 594 -13.98 -20.60 -18.74
C ILE A 594 -12.89 -19.94 -19.55
N ARG A 595 -13.06 -19.88 -20.87
CA ARG A 595 -12.03 -19.32 -21.73
C ARG A 595 -11.79 -17.85 -21.42
N GLU A 596 -12.86 -17.09 -21.19
CA GLU A 596 -12.69 -15.70 -20.79
C GLU A 596 -11.81 -15.61 -19.54
N GLU A 597 -12.08 -16.45 -18.54
CA GLU A 597 -11.31 -16.40 -17.29
C GLU A 597 -9.86 -16.79 -17.52
N VAL A 598 -9.62 -17.77 -18.40
CA VAL A 598 -8.24 -18.18 -18.66
C VAL A 598 -7.49 -17.09 -19.41
N ASP A 599 -8.09 -16.57 -20.48
CA ASP A 599 -7.44 -15.52 -21.27
C ASP A 599 -7.15 -14.30 -20.41
N ASN A 600 -8.14 -13.90 -19.59
CA ASN A 600 -7.97 -12.73 -18.75
C ASN A 600 -6.79 -12.92 -17.79
N ASN A 601 -6.78 -14.03 -17.07
CA ASN A 601 -5.70 -14.26 -16.09
C ASN A 601 -4.36 -14.42 -16.78
N CYS A 602 -4.32 -15.12 -17.92
CA CYS A 602 -3.05 -15.34 -18.59
C CYS A 602 -2.45 -14.03 -19.10
N GLN A 603 -3.29 -13.12 -19.56
CA GLN A 603 -2.79 -11.82 -20.01
C GLN A 603 -2.41 -10.91 -18.85
N SER A 604 -2.97 -11.12 -17.67
CA SER A 604 -2.56 -10.32 -16.52
C SER A 604 -1.27 -10.85 -15.91
N ILE A 605 -1.06 -12.16 -15.94
CA ILE A 605 0.23 -12.70 -15.55
C ILE A 605 1.30 -12.24 -16.53
N LEU A 606 1.08 -12.51 -17.83
CA LEU A 606 2.08 -12.21 -18.85
C LEU A 606 2.46 -10.74 -18.86
N GLY A 607 1.45 -9.86 -18.83
CA GLY A 607 1.72 -8.44 -18.86
C GLY A 607 2.52 -7.98 -17.66
N TYR A 608 2.21 -8.53 -16.48
CA TYR A 608 2.98 -8.20 -15.29
C TYR A 608 4.36 -8.87 -15.31
N VAL A 609 4.40 -10.16 -15.65
CA VAL A 609 5.63 -10.92 -15.50
C VAL A 609 6.69 -10.42 -16.46
N VAL A 610 6.32 -10.15 -17.71
CA VAL A 610 7.33 -9.77 -18.69
C VAL A 610 8.11 -8.54 -18.21
N ARG A 611 7.44 -7.57 -17.60
CA ARG A 611 8.13 -6.38 -17.10
C ARG A 611 8.91 -6.69 -15.84
N TRP A 612 8.42 -7.62 -15.02
CA TRP A 612 9.13 -8.04 -13.81
C TRP A 612 10.45 -8.72 -14.17
N VAL A 613 10.38 -9.67 -15.11
CA VAL A 613 11.52 -10.50 -15.43
C VAL A 613 12.49 -9.78 -16.38
N ASP A 614 11.98 -9.09 -17.40
CA ASP A 614 12.88 -8.47 -18.38
C ASP A 614 13.39 -7.09 -17.95
N GLN A 615 12.69 -6.39 -17.06
CA GLN A 615 13.10 -5.06 -16.67
C GLN A 615 13.13 -4.83 -15.18
N GLY A 616 12.84 -5.84 -14.35
CA GLY A 616 12.88 -5.63 -12.92
C GLY A 616 11.91 -4.59 -12.40
N VAL A 617 10.77 -4.40 -13.06
CA VAL A 617 9.73 -3.46 -12.64
C VAL A 617 8.63 -4.24 -11.92
N GLY A 618 8.36 -3.90 -10.67
CA GLY A 618 7.45 -4.68 -9.88
C GLY A 618 5.99 -4.23 -9.88
N ALA A 619 5.68 -3.09 -10.50
CA ALA A 619 4.31 -2.57 -10.51
C ALA A 619 4.03 -1.97 -11.88
N SER A 620 3.08 -2.57 -12.61
CA SER A 620 2.77 -2.15 -13.97
C SER A 620 1.28 -1.94 -14.15
N LYS A 621 0.93 -1.01 -15.04
CA LYS A 621 -0.44 -0.88 -15.53
C LYS A 621 -0.63 -1.91 -16.62
N VAL A 622 -1.56 -2.84 -16.41
CA VAL A 622 -1.74 -3.94 -17.34
C VAL A 622 -3.21 -4.02 -17.72
N PRO A 623 -3.56 -3.72 -18.97
CA PRO A 623 -4.95 -3.82 -19.40
C PRO A 623 -5.38 -5.27 -19.44
N ASP A 624 -6.53 -5.56 -18.84
CA ASP A 624 -7.13 -6.89 -18.94
C ASP A 624 -7.87 -7.01 -20.27
N ILE A 625 -8.65 -8.09 -20.47
CA ILE A 625 -9.27 -8.29 -21.78
C ILE A 625 -10.50 -7.39 -21.98
N HIS A 626 -10.89 -6.59 -20.98
CA HIS A 626 -11.84 -5.52 -21.18
C HIS A 626 -11.17 -4.15 -21.35
N ASP A 627 -9.86 -4.11 -21.59
CA ASP A 627 -9.11 -2.87 -21.80
C ASP A 627 -9.25 -1.92 -20.62
N VAL A 628 -9.21 -2.46 -19.40
CA VAL A 628 -9.20 -1.65 -18.19
C VAL A 628 -7.80 -1.70 -17.60
N ALA A 629 -7.11 -0.56 -17.61
CA ALA A 629 -5.76 -0.48 -17.08
C ALA A 629 -5.76 -0.82 -15.59
N LEU A 630 -5.11 -1.91 -15.24
CA LEU A 630 -5.01 -2.32 -13.85
C LEU A 630 -3.58 -2.14 -13.37
N MET A 631 -3.43 -1.46 -12.25
CA MET A 631 -2.17 -1.37 -11.53
C MET A 631 -1.93 -2.71 -10.84
N GLU A 632 -0.99 -3.50 -11.37
CA GLU A 632 -0.78 -4.87 -10.93
C GLU A 632 0.51 -5.01 -10.12
N ASP A 633 0.46 -5.82 -9.06
CA ASP A 633 1.61 -6.12 -8.22
C ASP A 633 1.71 -7.62 -8.03
N ARG A 634 2.59 -8.07 -7.13
CA ARG A 634 2.72 -9.51 -6.93
C ARG A 634 1.42 -10.13 -6.43
N ALA A 635 0.69 -9.42 -5.55
CA ALA A 635 -0.53 -9.96 -4.97
C ALA A 635 -1.57 -10.28 -6.04
N THR A 636 -1.74 -9.38 -7.01
CA THR A 636 -2.66 -9.69 -8.10
C THR A 636 -2.12 -10.82 -8.95
N LEU A 637 -0.79 -10.88 -9.15
CA LEU A 637 -0.20 -12.04 -9.81
C LEU A 637 -0.52 -13.32 -9.06
N ARG A 638 -0.45 -13.27 -7.73
CA ARG A 638 -0.68 -14.45 -6.91
C ARG A 638 -2.10 -14.98 -7.08
N ILE A 639 -3.09 -14.08 -7.11
CA ILE A 639 -4.48 -14.50 -7.35
C ILE A 639 -4.60 -15.18 -8.70
N SER A 640 -4.20 -14.49 -9.77
CA SER A 640 -4.35 -15.03 -11.10
C SER A 640 -3.67 -16.38 -11.23
N SER A 641 -2.45 -16.49 -10.71
CA SER A 641 -1.71 -17.74 -10.85
C SER A 641 -2.31 -18.84 -9.99
N GLN A 642 -2.74 -18.51 -8.77
CA GLN A 642 -3.32 -19.53 -7.91
C GLN A 642 -4.66 -20.01 -8.46
N LEU A 643 -5.46 -19.10 -9.02
CA LEU A 643 -6.76 -19.49 -9.53
C LEU A 643 -6.62 -20.41 -10.72
N LEU A 644 -5.67 -20.13 -11.61
CA LEU A 644 -5.50 -21.05 -12.73
C LEU A 644 -4.95 -22.38 -12.25
N ALA A 645 -4.01 -22.36 -11.30
CA ALA A 645 -3.50 -23.59 -10.71
C ALA A 645 -4.64 -24.41 -10.12
N ASN A 646 -5.58 -23.74 -9.45
CA ASN A 646 -6.72 -24.42 -8.85
C ASN A 646 -7.64 -24.96 -9.93
N TRP A 647 -7.95 -24.13 -10.93
CA TRP A 647 -8.75 -24.63 -12.03
C TRP A 647 -8.07 -25.80 -12.71
N LEU A 648 -6.74 -25.76 -12.78
CA LEU A 648 -5.97 -26.85 -13.35
C LEU A 648 -6.06 -28.11 -12.49
N ARG A 649 -5.80 -27.98 -11.19
CA ARG A 649 -5.73 -29.17 -10.35
C ARG A 649 -7.07 -29.88 -10.22
N HIS A 650 -8.17 -29.22 -10.58
CA HIS A 650 -9.47 -29.87 -10.54
C HIS A 650 -10.05 -30.11 -11.93
N GLY A 651 -9.25 -29.94 -12.98
CA GLY A 651 -9.72 -30.33 -14.30
C GLY A 651 -10.73 -29.41 -14.94
N VAL A 652 -10.92 -28.20 -14.39
CA VAL A 652 -11.72 -27.20 -15.10
C VAL A 652 -11.08 -26.87 -16.45
N ILE A 653 -9.76 -26.93 -16.48
CA ILE A 653 -8.96 -26.59 -17.66
C ILE A 653 -7.78 -27.55 -17.70
N THR A 654 -7.08 -27.52 -18.83
CA THR A 654 -5.97 -28.41 -19.15
C THR A 654 -4.66 -27.62 -19.20
N SER A 655 -3.54 -28.29 -18.91
CA SER A 655 -2.24 -27.65 -19.07
C SER A 655 -2.06 -27.09 -20.48
N ALA A 656 -2.45 -27.85 -21.49
CA ALA A 656 -2.40 -27.30 -22.85
C ALA A 656 -3.40 -26.17 -23.04
N ASP A 657 -4.55 -26.20 -22.34
CA ASP A 657 -5.47 -25.06 -22.34
C ASP A 657 -4.74 -23.80 -21.86
N VAL A 658 -3.92 -23.94 -20.83
CA VAL A 658 -3.22 -22.79 -20.28
C VAL A 658 -2.12 -22.34 -21.22
N ARG A 659 -1.44 -23.27 -21.87
CA ARG A 659 -0.37 -22.87 -22.78
C ARG A 659 -0.94 -22.20 -24.02
N ALA A 660 -2.05 -22.73 -24.54
CA ALA A 660 -2.68 -22.09 -25.69
C ALA A 660 -3.05 -20.66 -25.36
N SER A 661 -3.63 -20.42 -24.19
CA SER A 661 -3.99 -19.06 -23.81
C SER A 661 -2.76 -18.18 -23.69
N LEU A 662 -1.71 -18.69 -23.02
CA LEU A 662 -0.45 -17.97 -22.95
C LEU A 662 0.10 -17.65 -24.33
N GLU A 663 0.09 -18.63 -25.24
CA GLU A 663 0.59 -18.39 -26.59
C GLU A 663 -0.23 -17.33 -27.30
N ARG A 664 -1.56 -17.36 -27.13
CA ARG A 664 -2.35 -16.40 -27.88
C ARG A 664 -2.34 -15.02 -27.23
N MET A 665 -2.08 -14.93 -25.93
CA MET A 665 -2.02 -13.64 -25.26
C MET A 665 -0.66 -12.95 -25.38
N ALA A 666 0.43 -13.71 -25.45
CA ALA A 666 1.77 -13.11 -25.56
C ALA A 666 1.89 -12.04 -26.64
N PRO A 667 1.47 -12.25 -27.89
CA PRO A 667 1.64 -11.18 -28.88
C PRO A 667 0.83 -9.95 -28.54
N LEU A 668 -0.34 -10.13 -27.93
CA LEU A 668 -1.17 -8.99 -27.57
C LEU A 668 -0.56 -8.22 -26.42
N VAL A 669 0.15 -8.91 -25.51
CA VAL A 669 0.96 -8.21 -24.51
C VAL A 669 2.16 -7.54 -25.17
N ASP A 670 2.77 -8.22 -26.15
CA ASP A 670 3.85 -7.61 -26.93
C ASP A 670 3.41 -6.30 -27.58
N ARG A 671 2.20 -6.28 -28.15
CA ARG A 671 1.72 -5.07 -28.80
C ARG A 671 1.16 -4.06 -27.81
N GLN A 672 0.88 -4.49 -26.58
CA GLN A 672 0.64 -3.54 -25.50
C GLN A 672 1.91 -2.86 -25.03
N ASN A 673 3.09 -3.29 -25.49
CA ASN A 673 4.37 -2.73 -25.10
C ASN A 673 5.17 -2.31 -26.33
N ALA A 674 6.39 -1.79 -26.09
CA ALA A 674 7.36 -1.44 -27.12
C ALA A 674 8.59 -0.80 -26.49
N GLY A 675 8.38 0.11 -25.55
CA GLY A 675 9.47 0.89 -24.99
C GLY A 675 9.43 2.29 -25.57
N ALA A 678 12.42 -0.51 -25.45
CA ALA A 678 13.27 -1.25 -24.53
C ALA A 678 12.68 -2.63 -24.20
N TYR A 679 11.53 -2.93 -24.78
CA TYR A 679 10.80 -4.16 -24.50
C TYR A 679 11.25 -5.29 -25.45
N ARG A 680 11.24 -6.51 -24.91
CA ARG A 680 11.64 -7.71 -25.66
C ARG A 680 10.41 -8.52 -26.05
N PRO A 681 10.10 -8.64 -27.35
CA PRO A 681 8.91 -9.43 -27.74
C PRO A 681 9.01 -10.85 -27.21
N MET A 682 7.92 -11.28 -26.55
CA MET A 682 7.75 -12.69 -26.22
C MET A 682 7.55 -13.52 -27.47
N ALA A 683 6.62 -13.10 -28.33
CA ALA A 683 6.34 -13.84 -29.55
C ALA A 683 7.43 -13.59 -30.59
N PRO A 684 7.74 -14.58 -31.44
CA PRO A 684 7.10 -15.89 -31.48
C PRO A 684 7.89 -16.98 -30.73
N ASN A 685 9.13 -16.66 -30.34
CA ASN A 685 10.04 -17.65 -29.75
C ASN A 685 9.69 -17.86 -28.28
N PHE A 686 8.53 -18.45 -28.06
CA PHE A 686 7.98 -18.55 -26.71
C PHE A 686 8.92 -19.34 -25.79
N ASP A 687 9.30 -20.55 -26.19
CA ASP A 687 10.06 -21.41 -25.29
C ASP A 687 11.45 -20.87 -24.96
N ASP A 688 11.91 -19.81 -25.63
CA ASP A 688 13.20 -19.23 -25.32
C ASP A 688 13.10 -17.79 -24.78
N SER A 689 11.88 -17.34 -24.46
CA SER A 689 11.68 -16.13 -23.65
C SER A 689 11.61 -16.54 -22.19
N ILE A 690 12.51 -15.98 -21.37
CA ILE A 690 12.56 -16.33 -19.95
C ILE A 690 11.25 -15.94 -19.26
N ALA A 691 10.77 -14.73 -19.55
CA ALA A 691 9.58 -14.23 -18.87
C ALA A 691 8.37 -15.10 -19.21
N PHE A 692 8.28 -15.58 -20.46
CA PHE A 692 7.19 -16.46 -20.86
C PHE A 692 7.19 -17.73 -20.01
N LEU A 693 8.34 -18.37 -19.86
CA LEU A 693 8.44 -19.60 -19.06
C LEU A 693 8.17 -19.32 -17.58
N ALA A 694 8.54 -18.14 -17.11
CA ALA A 694 8.22 -17.75 -15.73
C ALA A 694 6.72 -17.67 -15.53
N ALA A 695 6.01 -17.10 -16.48
CA ALA A 695 4.56 -17.03 -16.40
C ALA A 695 3.98 -18.42 -16.40
N GLN A 696 4.40 -19.24 -17.37
CA GLN A 696 3.90 -20.60 -17.48
C GLN A 696 4.14 -21.38 -16.21
N GLU A 697 5.34 -21.26 -15.64
CA GLU A 697 5.65 -21.98 -14.41
C GLU A 697 4.86 -21.45 -13.23
N LEU A 698 4.55 -20.15 -13.21
CA LEU A 698 3.75 -19.59 -12.13
C LEU A 698 2.38 -20.25 -12.08
N ILE A 699 1.90 -20.71 -13.22
CA ILE A 699 0.61 -21.40 -13.29
C ILE A 699 0.78 -22.90 -13.14
N LEU A 700 1.65 -23.52 -13.95
CA LEU A 700 1.78 -24.98 -13.92
C LEU A 700 2.38 -25.48 -12.61
N SER A 701 3.14 -24.64 -11.92
CA SER A 701 3.70 -24.99 -10.62
C SER A 701 3.04 -24.21 -9.50
N GLY A 702 2.00 -23.43 -9.83
CA GLY A 702 1.34 -22.61 -8.81
C GLY A 702 1.02 -23.38 -7.54
N ALA A 703 0.48 -24.59 -7.68
CA ALA A 703 0.08 -25.34 -6.50
C ALA A 703 1.26 -25.66 -5.59
N GLN A 704 2.47 -25.78 -6.15
CA GLN A 704 3.60 -26.22 -5.35
C GLN A 704 4.25 -25.09 -4.56
N GLN A 705 4.06 -23.83 -4.96
CA GLN A 705 4.74 -22.73 -4.26
C GLN A 705 4.26 -22.61 -2.81
N PRO A 706 5.16 -22.27 -1.89
CA PRO A 706 4.76 -22.11 -0.48
C PRO A 706 3.70 -21.04 -0.34
N ASN A 707 2.50 -21.47 0.07
CA ASN A 707 1.36 -20.59 0.27
C ASN A 707 1.08 -19.78 -0.98
N GLY A 708 1.37 -20.38 -2.14
CA GLY A 708 1.11 -19.79 -3.43
C GLY A 708 1.91 -18.54 -3.76
N TYR A 709 2.88 -18.19 -2.92
CA TYR A 709 3.70 -17.02 -3.20
C TYR A 709 4.37 -17.14 -4.56
N THR A 710 4.49 -16.01 -5.25
CA THR A 710 5.08 -15.95 -6.57
C THR A 710 6.55 -15.57 -6.55
N GLU A 711 7.06 -15.05 -5.43
CA GLU A 711 8.43 -14.58 -5.36
C GLU A 711 9.47 -15.65 -5.73
N PRO A 712 9.43 -16.88 -5.17
CA PRO A 712 10.47 -17.86 -5.52
C PRO A 712 10.68 -18.02 -7.02
N ILE A 713 9.59 -18.16 -7.78
CA ILE A 713 9.71 -18.31 -9.22
C ILE A 713 10.11 -16.98 -9.86
N LEU A 714 9.58 -15.87 -9.37
CA LEU A 714 9.94 -14.58 -9.96
C LEU A 714 11.41 -14.27 -9.72
N HIS A 715 11.88 -14.46 -8.48
CA HIS A 715 13.26 -14.12 -8.15
C HIS A 715 14.23 -14.91 -8.99
N ARG A 716 14.06 -16.23 -9.04
CA ARG A 716 15.02 -17.07 -9.74
C ARG A 716 15.00 -16.80 -11.24
N ARG A 717 13.84 -16.46 -11.79
CA ARG A 717 13.76 -16.17 -13.22
C ARG A 717 14.37 -14.82 -13.54
N ARG A 718 14.16 -13.83 -12.65
CA ARG A 718 14.83 -12.54 -12.81
C ARG A 718 16.35 -12.70 -12.77
N ARG A 719 16.87 -13.41 -11.76
CA ARG A 719 18.30 -13.70 -11.67
C ARG A 719 18.81 -14.34 -12.96
N GLU A 720 18.02 -15.26 -13.52
CA GLU A 720 18.45 -15.97 -14.72
C GLU A 720 18.41 -15.06 -15.94
N PHE A 721 17.43 -14.16 -16.00
CA PHE A 721 17.46 -13.13 -17.04
C PHE A 721 18.68 -12.22 -16.88
N LYS A 722 18.92 -11.72 -15.66
CA LYS A 722 20.12 -10.94 -15.41
C LYS A 722 21.37 -11.74 -15.78
N ALA A 723 21.36 -13.05 -15.53
CA ALA A 723 22.54 -13.86 -15.80
C ALA A 723 22.77 -14.03 -17.30
N ARG A 724 21.71 -14.15 -18.08
CA ARG A 724 21.91 -14.24 -19.52
C ARG A 724 22.23 -12.88 -20.14
N ALA A 725 22.14 -11.80 -19.38
CA ALA A 725 22.81 -10.55 -19.71
C ALA A 725 24.26 -10.63 -19.19
N ALA A 726 25.02 -11.56 -19.77
CA ALA A 726 26.31 -11.99 -19.24
C ALA A 726 27.39 -10.92 -19.32
#